data_1SUI
#
_entry.id   1SUI
#
_cell.length_a   60.854
_cell.length_b   136.486
_cell.length_c   332.778
_cell.angle_alpha   90.00
_cell.angle_beta   90.00
_cell.angle_gamma   90.00
#
_symmetry.space_group_name_H-M   'C 2 2 21'
#
loop_
_entity.id
_entity.type
_entity.pdbx_description
1 polymer 'Caffeoyl-CoA O-methyltransferase'
2 non-polymer 'CALCIUM ION'
3 non-polymer S-ADENOSYL-L-HOMOCYSTEINE
4 non-polymer 'FERULOYL COENZYME A'
5 water water
#
_entity_poly.entity_id   1
_entity_poly.type   'polypeptide(L)'
_entity_poly.pdbx_seq_one_letter_code
;MATNEDQKQTESGRHQEVGHKSLLQSDALYQYILETSVFPREHEAMKELREVTAKHPWNIMTTSADEGQFLSMLLKLINA
KNTMEIGVYTGYSLLATALAIPEDGKILAMDINKENYELGLPVIKKAGVDHKIDFREGPALPVLDEMIKDEKNHGSYDFI
FVDADKDNYLNYHKRLIDLVKVGGVIGYDNTLWNGSVVAPPDAPLRKYVRYYRDFVLELNKALAVDPRIEICMLPVGDGI
TICRRIK
;
_entity_poly.pdbx_strand_id   A,B,C,D
#
# COMPACT_ATOMS: atom_id res chain seq x y z
N LYS A 21 18.45 14.30 -0.70
CA LYS A 21 18.33 12.91 -1.24
C LYS A 21 17.13 12.16 -0.64
N SER A 22 17.11 10.83 -0.87
CA SER A 22 16.03 9.97 -0.37
C SER A 22 16.54 8.54 -0.16
N LEU A 23 15.65 7.67 0.30
CA LEU A 23 16.01 6.27 0.55
C LEU A 23 15.79 5.36 -0.65
N LEU A 24 15.46 5.95 -1.79
CA LEU A 24 15.21 5.17 -2.98
C LEU A 24 16.46 5.05 -3.84
N GLN A 25 16.34 4.36 -4.96
CA GLN A 25 17.47 4.14 -5.86
C GLN A 25 17.92 5.36 -6.65
N SER A 26 17.00 6.28 -6.93
CA SER A 26 17.35 7.45 -7.71
C SER A 26 16.55 8.67 -7.29
N ASP A 27 17.12 9.84 -7.49
CA ASP A 27 16.41 11.08 -7.12
C ASP A 27 15.29 11.34 -8.11
N ALA A 28 15.31 10.66 -9.26
CA ALA A 28 14.27 10.87 -10.24
C ALA A 28 13.06 9.98 -9.99
N LEU A 29 13.28 8.81 -9.40
CA LEU A 29 12.17 7.89 -9.11
C LEU A 29 11.34 8.54 -8.02
N TYR A 30 12.04 9.02 -7.01
CA TYR A 30 11.41 9.68 -5.88
C TYR A 30 10.61 10.88 -6.37
N GLN A 31 11.26 11.70 -7.19
CA GLN A 31 10.60 12.87 -7.73
C GLN A 31 9.31 12.48 -8.46
N TYR A 32 9.37 11.38 -9.21
CA TYR A 32 8.22 10.89 -9.95
C TYR A 32 7.02 10.69 -9.03
N ILE A 33 7.27 10.17 -7.84
CA ILE A 33 6.20 9.92 -6.88
C ILE A 33 5.59 11.24 -6.42
N LEU A 34 6.47 12.21 -6.19
CA LEU A 34 6.06 13.54 -5.74
C LEU A 34 5.29 14.30 -6.80
N GLU A 35 5.88 14.36 -7.98
CA GLU A 35 5.26 15.07 -9.09
C GLU A 35 3.95 14.47 -9.58
N THR A 36 3.76 13.17 -9.41
CA THR A 36 2.53 12.56 -9.90
C THR A 36 1.46 12.23 -8.88
N SER A 37 1.84 11.78 -7.68
CA SER A 37 0.81 11.44 -6.72
C SER A 37 0.83 12.19 -5.42
N VAL A 38 1.70 13.18 -5.30
CA VAL A 38 1.75 13.97 -4.07
C VAL A 38 1.43 15.45 -4.27
N PHE A 39 2.30 16.18 -4.96
CA PHE A 39 2.07 17.61 -5.14
C PHE A 39 0.68 18.01 -5.64
N PRO A 40 0.22 17.40 -6.75
CA PRO A 40 -1.11 17.75 -7.26
C PRO A 40 -2.13 17.32 -6.23
N ARG A 41 -2.94 18.25 -5.74
CA ARG A 41 -3.94 17.91 -4.71
C ARG A 41 -3.24 17.68 -3.38
N GLU A 42 -2.75 18.74 -2.76
CA GLU A 42 -2.09 18.62 -1.47
C GLU A 42 -2.40 19.89 -0.68
N HIS A 43 -3.67 20.02 -0.39
CA HIS A 43 -4.18 21.16 0.35
C HIS A 43 -3.73 22.59 -0.01
N GLU A 44 -2.44 22.87 0.12
CA GLU A 44 -1.85 24.18 -0.20
C GLU A 44 -1.12 24.64 1.04
N ALA A 45 -1.78 24.50 2.20
CA ALA A 45 -1.19 24.87 3.47
C ALA A 45 0.16 24.18 3.59
N MET A 46 0.21 22.94 3.13
CA MET A 46 1.43 22.15 3.15
C MET A 46 2.42 22.84 2.21
N LYS A 47 1.92 23.28 1.07
CA LYS A 47 2.76 23.95 0.09
C LYS A 47 3.36 25.20 0.75
N GLU A 48 2.52 25.99 1.39
CA GLU A 48 2.97 27.20 2.05
C GLU A 48 4.01 26.85 3.09
N LEU A 49 3.55 26.19 4.14
CA LEU A 49 4.40 25.80 5.25
C LEU A 49 5.74 25.21 4.79
N ARG A 50 5.71 24.47 3.69
CA ARG A 50 6.92 23.87 3.17
C ARG A 50 7.84 24.95 2.59
N GLU A 51 7.27 26.10 2.25
CA GLU A 51 8.02 27.24 1.70
C GLU A 51 8.63 28.07 2.80
N VAL A 52 7.84 28.30 3.85
CA VAL A 52 8.27 29.03 5.02
C VAL A 52 9.50 28.31 5.60
N THR A 53 9.35 27.02 5.83
CA THR A 53 10.41 26.20 6.40
C THR A 53 11.65 26.13 5.54
N ALA A 54 11.49 26.25 4.23
CA ALA A 54 12.66 26.18 3.34
C ALA A 54 13.71 27.25 3.58
N LYS A 55 13.31 28.37 4.18
CA LYS A 55 14.24 29.46 4.45
C LYS A 55 14.97 29.31 5.80
N HIS A 56 14.48 28.38 6.61
CA HIS A 56 15.04 28.10 7.93
C HIS A 56 16.28 27.22 7.83
N PRO A 57 17.32 27.52 8.62
CA PRO A 57 18.60 26.80 8.66
C PRO A 57 18.51 25.27 8.77
N TRP A 58 17.77 24.78 9.77
CA TRP A 58 17.67 23.34 9.98
C TRP A 58 16.55 22.68 9.20
N ASN A 59 16.20 23.27 8.07
CA ASN A 59 15.12 22.73 7.25
C ASN A 59 15.30 21.25 6.88
N ILE A 60 16.50 20.72 7.07
CA ILE A 60 16.73 19.31 6.74
C ILE A 60 15.88 18.35 7.56
N MET A 61 15.37 18.84 8.69
CA MET A 61 14.57 18.01 9.58
C MET A 61 13.10 17.93 9.21
N THR A 62 12.62 18.85 8.40
CA THR A 62 11.22 18.81 8.04
C THR A 62 10.79 17.49 7.39
N THR A 63 9.66 16.97 7.81
CA THR A 63 9.13 15.75 7.24
C THR A 63 8.95 15.93 5.73
N SER A 64 9.21 14.88 4.95
CA SER A 64 9.05 14.92 3.49
C SER A 64 7.58 14.94 3.06
N ALA A 65 7.32 15.47 1.87
CA ALA A 65 5.95 15.56 1.35
C ALA A 65 5.27 14.19 1.19
N ASP A 66 6.03 13.18 0.78
CA ASP A 66 5.44 11.84 0.61
C ASP A 66 5.12 11.20 1.96
N GLU A 67 5.88 11.54 2.99
CA GLU A 67 5.63 11.00 4.32
C GLU A 67 4.46 11.73 4.98
N GLY A 68 4.25 12.98 4.59
CA GLY A 68 3.13 13.72 5.15
C GLY A 68 1.91 13.05 4.57
N GLN A 69 2.01 12.68 3.29
CA GLN A 69 0.93 12.01 2.57
C GLN A 69 0.60 10.65 3.20
N PHE A 70 1.63 9.88 3.53
CA PHE A 70 1.40 8.59 4.16
C PHE A 70 0.70 8.77 5.51
N LEU A 71 1.13 9.75 6.31
CA LEU A 71 0.50 9.99 7.59
C LEU A 71 -0.97 10.34 7.41
N SER A 72 -1.24 11.21 6.44
CA SER A 72 -2.63 11.59 6.18
C SER A 72 -3.48 10.35 5.90
N MET A 73 -2.97 9.48 5.04
CA MET A 73 -3.65 8.25 4.69
C MET A 73 -3.88 7.42 5.96
N LEU A 74 -2.77 7.10 6.62
CA LEU A 74 -2.80 6.29 7.83
C LEU A 74 -3.80 6.83 8.86
N LEU A 75 -3.76 8.15 9.09
CA LEU A 75 -4.65 8.76 10.08
C LEU A 75 -6.11 8.58 9.70
N LYS A 76 -6.41 8.76 8.41
CA LYS A 76 -7.77 8.58 7.91
C LYS A 76 -8.23 7.12 8.05
N LEU A 77 -7.41 6.18 7.63
CA LEU A 77 -7.75 4.75 7.73
C LEU A 77 -7.99 4.24 9.15
N ILE A 78 -7.37 4.84 10.16
CA ILE A 78 -7.60 4.33 11.51
C ILE A 78 -8.56 5.22 12.28
N ASN A 79 -9.13 6.18 11.60
CA ASN A 79 -10.09 7.09 12.22
C ASN A 79 -9.58 7.72 13.51
N ALA A 80 -8.28 8.04 13.52
CA ALA A 80 -7.66 8.66 14.68
C ALA A 80 -8.29 10.00 14.98
N LYS A 81 -8.61 10.21 16.25
CA LYS A 81 -9.22 11.45 16.69
C LYS A 81 -8.32 12.14 17.70
N ASN A 82 -7.78 11.36 18.64
CA ASN A 82 -6.93 11.89 19.69
C ASN A 82 -5.49 11.47 19.49
N THR A 83 -4.61 12.42 19.20
CA THR A 83 -3.21 12.07 18.95
C THR A 83 -2.17 12.89 19.71
N MET A 84 -0.91 12.46 19.57
CA MET A 84 0.23 13.10 20.22
C MET A 84 1.40 13.12 19.23
N GLU A 85 2.14 14.22 19.21
CA GLU A 85 3.30 14.38 18.35
C GLU A 85 4.51 14.85 19.17
N ILE A 86 5.63 14.13 19.08
CA ILE A 86 6.85 14.51 19.79
C ILE A 86 7.88 14.93 18.75
N GLY A 87 8.23 16.21 18.77
CA GLY A 87 9.16 16.76 17.79
C GLY A 87 8.24 17.47 16.79
N VAL A 88 8.05 18.77 16.96
CA VAL A 88 7.14 19.52 16.10
C VAL A 88 7.82 20.32 15.00
N TYR A 89 8.84 21.07 15.39
CA TYR A 89 9.62 21.91 14.48
C TYR A 89 8.83 22.48 13.34
N THR A 90 8.68 23.79 13.28
CA THR A 90 7.99 24.38 12.13
C THR A 90 6.54 23.96 11.89
N GLY A 91 6.23 22.68 12.06
CA GLY A 91 4.84 22.26 11.93
C GLY A 91 4.33 21.35 10.84
N TYR A 92 5.20 20.85 9.96
CA TYR A 92 4.73 20.02 8.87
C TYR A 92 3.92 18.74 9.22
N SER A 93 4.44 17.90 10.11
CA SER A 93 3.73 16.68 10.51
C SER A 93 2.40 17.08 11.16
N LEU A 94 2.49 18.10 12.02
CA LEU A 94 1.36 18.62 12.76
C LEU A 94 0.26 19.06 11.83
N LEU A 95 0.61 19.96 10.90
CA LEU A 95 -0.34 20.48 9.94
C LEU A 95 -1.03 19.31 9.24
N ALA A 96 -0.23 18.38 8.74
CA ALA A 96 -0.78 17.23 8.05
C ALA A 96 -1.76 16.48 8.94
N THR A 97 -1.38 16.25 10.20
CA THR A 97 -2.24 15.53 11.11
C THR A 97 -3.53 16.29 11.39
N ALA A 98 -3.41 17.58 11.69
CA ALA A 98 -4.59 18.39 12.00
C ALA A 98 -5.58 18.45 10.84
N LEU A 99 -5.07 18.45 9.62
CA LEU A 99 -5.94 18.49 8.45
C LEU A 99 -6.56 17.13 8.19
N ALA A 100 -5.98 16.07 8.73
CA ALA A 100 -6.54 14.74 8.48
C ALA A 100 -7.54 14.27 9.51
N ILE A 101 -7.38 14.67 10.77
CA ILE A 101 -8.35 14.23 11.77
C ILE A 101 -9.62 15.08 11.69
N PRO A 102 -10.73 14.60 12.27
CA PRO A 102 -12.00 15.34 12.25
C PRO A 102 -11.96 16.70 12.93
N GLU A 103 -13.01 17.48 12.72
CA GLU A 103 -13.09 18.84 13.25
C GLU A 103 -12.94 18.96 14.75
N ASP A 104 -13.22 17.87 15.47
CA ASP A 104 -13.12 17.85 16.93
C ASP A 104 -11.91 17.03 17.40
N GLY A 105 -10.95 16.86 16.51
CA GLY A 105 -9.75 16.11 16.82
C GLY A 105 -8.79 16.91 17.67
N LYS A 106 -7.99 16.22 18.46
CA LYS A 106 -7.02 16.87 19.34
C LYS A 106 -5.63 16.28 19.21
N ILE A 107 -4.65 17.16 19.28
CA ILE A 107 -3.26 16.79 19.17
C ILE A 107 -2.43 17.40 20.29
N LEU A 108 -1.70 16.56 21.01
CA LEU A 108 -0.81 17.05 22.07
C LEU A 108 0.57 17.13 21.39
N ALA A 109 1.03 18.34 21.10
CA ALA A 109 2.31 18.54 20.42
C ALA A 109 3.43 19.05 21.34
N MET A 110 4.53 18.30 21.40
CA MET A 110 5.66 18.63 22.26
C MET A 110 6.97 18.94 21.54
N ASP A 111 7.63 20.03 21.89
CA ASP A 111 8.93 20.35 21.29
C ASP A 111 9.74 21.29 22.20
N ILE A 112 11.04 21.07 22.29
CA ILE A 112 11.89 21.88 23.15
C ILE A 112 12.12 23.32 22.69
N ASN A 113 12.05 23.55 21.39
CA ASN A 113 12.30 24.88 20.87
C ASN A 113 11.13 25.87 21.04
N LYS A 114 10.18 25.84 20.09
CA LYS A 114 9.01 26.72 20.09
C LYS A 114 9.10 27.98 19.22
N GLU A 115 10.28 28.54 19.02
CA GLU A 115 10.35 29.70 18.15
C GLU A 115 9.99 29.07 16.81
N ASN A 116 10.65 27.95 16.49
CA ASN A 116 10.43 27.22 15.26
C ASN A 116 8.94 26.93 15.02
N TYR A 117 8.27 26.39 16.04
CA TYR A 117 6.85 26.07 15.90
C TYR A 117 5.99 27.26 15.52
N GLU A 118 6.32 28.43 16.03
CA GLU A 118 5.53 29.62 15.72
C GLU A 118 5.82 30.14 14.32
N LEU A 119 6.90 29.64 13.75
CA LEU A 119 7.28 30.05 12.41
C LEU A 119 6.21 29.56 11.44
N GLY A 120 5.63 28.40 11.76
CA GLY A 120 4.60 27.83 10.90
C GLY A 120 3.18 27.98 11.42
N LEU A 121 3.04 28.38 12.67
CA LEU A 121 1.71 28.54 13.26
C LEU A 121 0.83 29.45 12.43
N PRO A 122 1.40 30.51 11.81
CA PRO A 122 0.53 31.38 11.02
C PRO A 122 -0.23 30.57 9.95
N VAL A 123 0.47 29.61 9.35
CA VAL A 123 -0.11 28.78 8.32
C VAL A 123 -1.20 27.88 8.90
N ILE A 124 -0.90 27.20 9.99
CA ILE A 124 -1.89 26.32 10.58
C ILE A 124 -3.17 27.10 10.91
N LYS A 125 -3.00 28.35 11.33
CA LYS A 125 -4.15 29.20 11.66
C LYS A 125 -4.88 29.61 10.38
N LYS A 126 -4.12 29.86 9.32
CA LYS A 126 -4.71 30.22 8.05
C LYS A 126 -5.48 29.03 7.48
N ALA A 127 -5.04 27.81 7.83
CA ALA A 127 -5.71 26.62 7.34
C ALA A 127 -6.89 26.33 8.28
N GLY A 128 -7.05 27.22 9.26
CA GLY A 128 -8.12 27.10 10.22
C GLY A 128 -8.15 25.83 11.04
N VAL A 129 -6.99 25.26 11.33
CA VAL A 129 -6.97 24.01 12.09
C VAL A 129 -6.11 24.07 13.36
N ASP A 130 -5.65 25.27 13.69
CA ASP A 130 -4.84 25.47 14.87
C ASP A 130 -5.61 25.17 16.15
N HIS A 131 -6.93 25.11 16.07
CA HIS A 131 -7.74 24.85 17.27
C HIS A 131 -7.61 23.43 17.80
N LYS A 132 -7.04 22.52 17.00
CA LYS A 132 -6.91 21.14 17.44
C LYS A 132 -5.60 20.89 18.15
N ILE A 133 -4.69 21.84 18.04
CA ILE A 133 -3.37 21.72 18.61
C ILE A 133 -3.21 22.25 20.04
N ASP A 134 -2.60 21.44 20.91
CA ASP A 134 -2.28 21.82 22.29
C ASP A 134 -0.75 21.73 22.34
N PHE A 135 -0.09 22.84 22.05
CA PHE A 135 1.37 22.82 22.05
C PHE A 135 1.93 23.00 23.45
N ARG A 136 2.98 22.26 23.75
CA ARG A 136 3.63 22.33 25.05
C ARG A 136 5.12 22.46 24.84
N GLU A 137 5.71 23.57 25.25
CA GLU A 137 7.15 23.72 25.09
C GLU A 137 7.91 22.95 26.14
N GLY A 138 8.97 22.27 25.72
CA GLY A 138 9.79 21.52 26.67
C GLY A 138 10.07 20.07 26.35
N PRO A 139 11.05 19.47 27.04
CA PRO A 139 11.46 18.08 26.88
C PRO A 139 10.26 17.16 27.02
N ALA A 140 10.17 16.15 26.16
CA ALA A 140 9.05 15.23 26.19
C ALA A 140 8.95 14.24 27.36
N LEU A 141 10.07 13.59 27.73
CA LEU A 141 10.09 12.60 28.82
C LEU A 141 9.40 13.02 30.10
N PRO A 142 9.76 14.20 30.64
CA PRO A 142 9.12 14.68 31.87
C PRO A 142 7.60 14.59 31.77
N VAL A 143 7.07 15.23 30.74
CA VAL A 143 5.64 15.27 30.48
C VAL A 143 5.08 13.86 30.39
N LEU A 144 5.79 12.99 29.68
CA LEU A 144 5.36 11.62 29.53
C LEU A 144 5.23 10.97 30.90
N ASP A 145 6.32 11.04 31.66
CA ASP A 145 6.35 10.46 32.98
C ASP A 145 5.19 10.95 33.84
N GLU A 146 4.80 12.20 33.67
CA GLU A 146 3.70 12.74 34.44
C GLU A 146 2.36 12.13 34.02
N MET A 147 2.15 11.98 32.72
CA MET A 147 0.91 11.40 32.22
C MET A 147 0.76 9.96 32.72
N ILE A 148 1.88 9.25 32.77
CA ILE A 148 1.86 7.86 33.22
C ILE A 148 1.26 7.68 34.61
N LYS A 149 1.49 8.65 35.50
CA LYS A 149 0.99 8.58 36.87
C LYS A 149 -0.54 8.51 36.96
N ASP A 150 -1.24 9.24 36.11
CA ASP A 150 -2.69 9.22 36.10
C ASP A 150 -3.13 8.01 35.26
N GLU A 151 -3.82 7.07 35.88
CA GLU A 151 -4.26 5.86 35.21
C GLU A 151 -5.26 6.12 34.08
N LYS A 152 -6.02 7.20 34.19
CA LYS A 152 -7.01 7.51 33.17
C LYS A 152 -6.39 7.91 31.85
N ASN A 153 -5.10 8.21 31.85
CA ASN A 153 -4.40 8.60 30.63
C ASN A 153 -3.98 7.38 29.81
N HIS A 154 -3.84 6.24 30.47
CA HIS A 154 -3.44 5.02 29.79
C HIS A 154 -4.42 4.69 28.68
N GLY A 155 -3.89 4.20 27.57
CA GLY A 155 -4.72 3.86 26.44
C GLY A 155 -5.67 4.95 25.96
N SER A 156 -5.28 6.22 26.05
CA SER A 156 -6.19 7.28 25.63
C SER A 156 -5.85 7.93 24.30
N TYR A 157 -4.82 7.42 23.62
CA TYR A 157 -4.40 7.98 22.34
C TYR A 157 -4.59 6.98 21.22
N ASP A 158 -4.97 7.47 20.05
CA ASP A 158 -5.18 6.62 18.89
C ASP A 158 -3.91 6.54 18.08
N PHE A 159 -3.17 7.66 18.06
CA PHE A 159 -1.95 7.76 17.27
C PHE A 159 -0.87 8.60 17.97
N ILE A 160 0.38 8.15 17.90
CA ILE A 160 1.48 8.88 18.51
C ILE A 160 2.67 8.90 17.57
N PHE A 161 3.05 10.10 17.13
CA PHE A 161 4.16 10.24 16.22
C PHE A 161 5.40 10.71 16.98
N VAL A 162 6.49 9.97 16.85
CA VAL A 162 7.74 10.30 17.52
C VAL A 162 8.78 10.65 16.46
N ASP A 163 9.10 11.93 16.35
CA ASP A 163 10.09 12.41 15.39
C ASP A 163 10.98 13.40 16.14
N ALA A 164 11.54 12.97 17.27
CA ALA A 164 12.38 13.84 18.07
C ALA A 164 13.78 13.29 18.28
N ASP A 165 14.28 13.37 19.50
CA ASP A 165 15.61 12.89 19.88
C ASP A 165 16.23 11.80 19.04
N LYS A 166 16.02 10.55 19.49
CA LYS A 166 16.57 9.35 18.82
C LYS A 166 17.22 8.56 19.93
N ASP A 167 18.12 9.23 20.65
CA ASP A 167 18.77 8.60 21.78
C ASP A 167 17.79 8.59 22.95
N ASN A 168 16.52 8.86 22.64
CA ASN A 168 15.45 8.85 23.63
C ASN A 168 14.23 8.03 23.22
N TYR A 169 14.26 7.43 22.03
CA TYR A 169 13.12 6.65 21.55
C TYR A 169 12.78 5.47 22.43
N LEU A 170 13.79 4.70 22.82
CA LEU A 170 13.60 3.54 23.68
C LEU A 170 12.98 4.00 24.97
N ASN A 171 13.41 5.17 25.45
CA ASN A 171 12.85 5.70 26.69
C ASN A 171 11.41 6.11 26.50
N TYR A 172 11.10 6.74 25.37
CA TYR A 172 9.72 7.14 25.08
C TYR A 172 8.85 5.90 25.04
N HIS A 173 9.31 4.91 24.28
CA HIS A 173 8.59 3.64 24.13
C HIS A 173 8.17 3.04 25.47
N LYS A 174 9.04 3.06 26.47
CA LYS A 174 8.70 2.51 27.78
C LYS A 174 7.37 3.02 28.26
N ARG A 175 7.12 4.32 28.11
CA ARG A 175 5.84 4.88 28.54
C ARG A 175 4.85 5.11 27.43
N LEU A 176 5.31 5.31 26.21
CA LEU A 176 4.37 5.51 25.12
C LEU A 176 3.48 4.29 24.95
N ILE A 177 4.03 3.10 25.21
CA ILE A 177 3.30 1.83 25.07
C ILE A 177 2.09 1.66 25.96
N ASP A 178 2.05 2.37 27.09
CA ASP A 178 0.90 2.29 27.99
C ASP A 178 -0.09 3.39 27.69
N LEU A 179 0.38 4.42 27.00
CA LEU A 179 -0.45 5.56 26.62
C LEU A 179 -1.16 5.33 25.29
N VAL A 180 -0.59 4.48 24.45
CA VAL A 180 -1.24 4.13 23.18
C VAL A 180 -2.32 3.19 23.64
N LYS A 181 -3.50 3.24 23.06
CA LYS A 181 -4.47 2.26 23.48
C LYS A 181 -4.31 1.08 22.53
N VAL A 182 -4.83 -0.09 22.87
CA VAL A 182 -4.68 -1.26 22.02
C VAL A 182 -4.92 -1.02 20.53
N GLY A 183 -5.85 -0.13 20.20
CA GLY A 183 -6.09 0.20 18.79
C GLY A 183 -4.70 0.28 18.19
N GLY A 184 -3.85 1.08 18.82
CA GLY A 184 -2.46 1.16 18.43
C GLY A 184 -1.87 2.26 17.59
N VAL A 185 -0.78 1.91 16.96
CA VAL A 185 -0.03 2.81 16.09
C VAL A 185 0.74 3.92 16.80
N ILE A 186 2.06 3.75 16.74
CA ILE A 186 3.04 4.65 17.29
C ILE A 186 3.99 4.72 16.13
N GLY A 187 4.37 5.91 15.70
CA GLY A 187 5.28 5.95 14.58
C GLY A 187 6.64 6.49 14.95
N TYR A 188 7.68 5.70 14.71
CA TYR A 188 9.04 6.16 14.97
C TYR A 188 9.66 6.58 13.63
N ASP A 189 10.10 7.82 13.57
CA ASP A 189 10.67 8.38 12.35
C ASP A 189 12.17 8.28 12.21
N ASN A 190 12.61 8.20 10.95
CA ASN A 190 14.02 8.12 10.58
C ASN A 190 14.68 6.84 11.04
N THR A 191 13.88 5.79 11.08
CA THR A 191 14.27 4.46 11.49
C THR A 191 15.37 3.81 10.60
N LEU A 192 15.57 4.37 9.41
CA LEU A 192 16.57 3.85 8.49
C LEU A 192 17.73 4.84 8.45
N TRP A 193 17.62 5.85 9.32
CA TRP A 193 18.64 6.89 9.52
C TRP A 193 19.56 7.22 8.34
N ASN A 194 18.95 7.59 7.21
CA ASN A 194 19.72 7.95 6.03
C ASN A 194 20.55 6.76 5.58
N GLY A 195 20.01 5.55 5.70
CA GLY A 195 20.76 4.38 5.28
C GLY A 195 22.02 4.10 6.07
N SER A 196 22.48 5.05 6.88
CA SER A 196 23.70 4.85 7.67
C SER A 196 23.65 3.56 8.49
N VAL A 197 22.47 2.92 8.55
CA VAL A 197 22.32 1.69 9.30
C VAL A 197 23.01 0.48 8.66
N VAL A 198 23.56 0.65 7.47
CA VAL A 198 24.25 -0.43 6.77
C VAL A 198 25.48 0.13 6.05
N ALA A 199 25.89 1.34 6.45
CA ALA A 199 27.04 2.01 5.85
C ALA A 199 28.36 1.30 6.14
N PRO A 200 29.26 1.29 5.14
CA PRO A 200 30.59 0.67 5.18
C PRO A 200 31.50 1.19 6.29
N PRO A 201 31.99 0.26 7.15
CA PRO A 201 32.88 0.54 8.28
C PRO A 201 34.19 1.16 7.81
N ASP A 202 34.12 2.33 7.19
CA ASP A 202 35.32 3.02 6.69
C ASP A 202 34.94 4.19 5.81
N ALA A 203 33.65 4.53 5.78
CA ALA A 203 33.17 5.64 4.97
C ALA A 203 32.67 6.73 5.88
N PRO A 204 33.59 7.44 6.57
CA PRO A 204 33.19 8.51 7.50
C PRO A 204 31.93 9.29 7.09
N LEU A 205 31.08 9.51 8.09
CA LEU A 205 29.82 10.21 7.96
C LEU A 205 29.83 11.39 8.89
N ARG A 206 28.84 12.28 8.75
CA ARG A 206 28.76 13.46 9.62
C ARG A 206 28.78 13.02 11.09
N LYS A 207 29.38 13.86 11.94
CA LYS A 207 29.47 13.55 13.35
C LYS A 207 28.13 13.19 14.02
N TYR A 208 27.05 13.89 13.69
CA TYR A 208 25.78 13.57 14.35
C TYR A 208 25.08 12.31 13.85
N VAL A 209 25.19 12.00 12.56
CA VAL A 209 24.55 10.77 12.09
C VAL A 209 25.32 9.59 12.67
N ARG A 210 26.62 9.76 12.81
CA ARG A 210 27.47 8.73 13.38
C ARG A 210 27.07 8.47 14.83
N TYR A 211 26.70 9.54 15.53
CA TYR A 211 26.27 9.47 16.92
C TYR A 211 24.93 8.77 17.10
N TYR A 212 23.89 9.26 16.43
CA TYR A 212 22.56 8.67 16.54
C TYR A 212 22.40 7.30 15.89
N ARG A 213 23.36 6.88 15.09
CA ARG A 213 23.26 5.58 14.45
C ARG A 213 23.26 4.42 15.45
N ASP A 214 24.09 4.50 16.49
CA ASP A 214 24.14 3.43 17.48
C ASP A 214 22.76 3.33 18.13
N PHE A 215 22.13 4.49 18.33
CA PHE A 215 20.81 4.54 18.94
C PHE A 215 19.72 3.96 18.06
N VAL A 216 19.69 4.35 16.80
CA VAL A 216 18.70 3.84 15.88
C VAL A 216 18.81 2.32 15.78
N LEU A 217 19.99 1.80 15.46
CA LEU A 217 20.18 0.35 15.37
C LEU A 217 19.62 -0.34 16.63
N GLU A 218 20.02 0.19 17.79
CA GLU A 218 19.59 -0.31 19.11
C GLU A 218 18.06 -0.29 19.19
N LEU A 219 17.47 0.83 18.79
CA LEU A 219 16.03 1.03 18.78
C LEU A 219 15.37 -0.05 17.93
N ASN A 220 15.84 -0.20 16.69
CA ASN A 220 15.25 -1.18 15.80
C ASN A 220 15.21 -2.59 16.35
N LYS A 221 16.32 -3.04 16.91
CA LYS A 221 16.36 -4.39 17.49
C LYS A 221 15.32 -4.54 18.62
N ALA A 222 15.29 -3.60 19.54
CA ALA A 222 14.32 -3.70 20.63
C ALA A 222 12.91 -3.79 20.08
N LEU A 223 12.62 -2.92 19.10
CA LEU A 223 11.30 -2.87 18.49
C LEU A 223 10.93 -4.18 17.78
N ALA A 224 11.86 -4.73 17.02
CA ALA A 224 11.60 -5.97 16.30
C ALA A 224 11.35 -7.14 17.24
N VAL A 225 11.73 -7.00 18.50
CA VAL A 225 11.59 -8.06 19.49
C VAL A 225 10.56 -7.77 20.61
N ASP A 226 9.81 -6.69 20.50
CA ASP A 226 8.82 -6.35 21.53
C ASP A 226 7.51 -7.10 21.31
N PRO A 227 7.17 -8.02 22.22
CA PRO A 227 5.96 -8.83 22.18
C PRO A 227 4.69 -8.01 22.18
N ARG A 228 4.75 -6.82 22.78
CA ARG A 228 3.57 -5.98 22.85
C ARG A 228 3.16 -5.23 21.59
N ILE A 229 3.96 -5.29 20.53
CA ILE A 229 3.62 -4.58 19.30
C ILE A 229 3.68 -5.46 18.03
N GLU A 230 3.26 -4.87 16.90
CA GLU A 230 3.21 -5.53 15.60
C GLU A 230 4.31 -5.07 14.65
N ILE A 231 4.52 -3.75 14.53
CA ILE A 231 5.57 -3.16 13.66
C ILE A 231 5.68 -3.45 12.16
N CYS A 232 5.97 -2.39 11.40
CA CYS A 232 6.16 -2.43 9.96
C CYS A 232 7.15 -1.31 9.63
N MET A 233 8.26 -1.63 8.97
CA MET A 233 9.25 -0.63 8.61
C MET A 233 9.09 -0.10 7.19
N LEU A 234 8.36 0.99 6.99
CA LEU A 234 8.18 1.53 5.65
C LEU A 234 9.32 2.42 5.21
N PRO A 235 9.88 2.16 4.03
CA PRO A 235 10.98 3.04 3.63
C PRO A 235 10.56 4.40 3.05
N VAL A 236 9.46 4.97 3.54
CA VAL A 236 9.02 6.29 3.06
C VAL A 236 9.76 7.32 3.90
N GLY A 237 10.11 8.45 3.30
CA GLY A 237 10.82 9.49 4.03
C GLY A 237 12.17 8.95 4.44
N ASP A 238 12.43 8.92 5.73
CA ASP A 238 13.69 8.39 6.20
C ASP A 238 13.38 7.09 6.92
N GLY A 239 12.20 6.56 6.61
CA GLY A 239 11.75 5.33 7.22
C GLY A 239 10.91 5.63 8.44
N ILE A 240 9.77 4.96 8.57
CA ILE A 240 8.90 5.13 9.72
C ILE A 240 8.70 3.71 10.15
N THR A 241 8.80 3.43 11.43
CA THR A 241 8.48 2.08 11.87
C THR A 241 7.10 2.21 12.52
N ILE A 242 6.08 1.65 11.87
CA ILE A 242 4.73 1.73 12.40
C ILE A 242 4.45 0.59 13.37
N CYS A 243 4.15 0.94 14.61
CA CYS A 243 3.89 -0.05 15.65
C CYS A 243 2.44 -0.08 16.09
N ARG A 244 1.84 -1.27 16.01
CA ARG A 244 0.47 -1.46 16.42
C ARG A 244 0.53 -2.16 17.76
N ARG A 245 -0.07 -1.55 18.77
CA ARG A 245 -0.05 -2.17 20.09
C ARG A 245 -1.04 -3.31 20.12
N ILE A 246 -0.63 -4.46 20.64
CA ILE A 246 -1.53 -5.60 20.70
C ILE A 246 -1.92 -5.93 22.13
N LYS A 247 -1.21 -5.32 23.09
CA LYS A 247 -1.51 -5.46 24.52
C LYS A 247 -0.43 -4.81 25.41
N LYS B 21 -32.40 13.07 38.18
CA LYS B 21 -33.58 13.82 37.67
C LYS B 21 -33.28 15.30 37.39
N SER B 22 -33.71 15.79 36.23
CA SER B 22 -33.54 17.18 35.83
C SER B 22 -34.93 17.75 35.65
N LEU B 23 -35.01 18.94 35.07
CA LEU B 23 -36.32 19.55 34.86
C LEU B 23 -36.91 19.24 33.49
N LEU B 24 -36.18 18.51 32.66
CA LEU B 24 -36.67 18.19 31.33
C LEU B 24 -37.55 16.94 31.40
N GLN B 25 -38.17 16.56 30.28
CA GLN B 25 -39.02 15.39 30.27
C GLN B 25 -38.30 14.10 30.56
N SER B 26 -37.01 14.03 30.29
CA SER B 26 -36.27 12.79 30.53
C SER B 26 -34.77 12.96 30.70
N ASP B 27 -34.20 12.12 31.57
CA ASP B 27 -32.76 12.18 31.82
C ASP B 27 -32.03 11.89 30.51
N ALA B 28 -32.66 11.12 29.64
CA ALA B 28 -32.04 10.80 28.38
C ALA B 28 -31.91 12.08 27.57
N LEU B 29 -32.93 12.94 27.65
CA LEU B 29 -32.89 14.20 26.93
C LEU B 29 -31.88 15.15 27.54
N TYR B 30 -31.86 15.24 28.86
CA TYR B 30 -30.89 16.11 29.50
C TYR B 30 -29.48 15.62 29.19
N GLN B 31 -29.27 14.30 29.20
CA GLN B 31 -27.96 13.71 28.90
C GLN B 31 -27.53 14.06 27.48
N TYR B 32 -28.52 14.13 26.59
CA TYR B 32 -28.29 14.43 25.19
C TYR B 32 -27.66 15.82 25.10
N ILE B 33 -28.22 16.77 25.84
CA ILE B 33 -27.74 18.13 25.86
C ILE B 33 -26.30 18.15 26.34
N LEU B 34 -26.06 17.56 27.50
CA LEU B 34 -24.72 17.52 28.07
C LEU B 34 -23.76 16.87 27.10
N GLU B 35 -24.10 15.68 26.65
CA GLU B 35 -23.23 14.97 25.74
C GLU B 35 -22.96 15.67 24.43
N THR B 36 -23.95 16.33 23.84
CA THR B 36 -23.68 16.95 22.56
C THR B 36 -23.24 18.41 22.64
N SER B 37 -23.58 19.10 23.72
CA SER B 37 -23.20 20.51 23.78
C SER B 37 -22.25 20.96 24.89
N VAL B 38 -22.10 20.21 25.97
CA VAL B 38 -21.22 20.64 27.07
C VAL B 38 -19.90 19.89 27.26
N PHE B 39 -19.98 18.57 27.43
CA PHE B 39 -18.81 17.76 27.66
C PHE B 39 -17.75 17.96 26.59
N PRO B 40 -18.13 17.83 25.31
CA PRO B 40 -17.14 18.00 24.23
C PRO B 40 -16.52 19.40 24.20
N ARG B 41 -17.23 20.40 24.70
CA ARG B 41 -16.77 21.77 24.69
C ARG B 41 -16.18 22.33 25.99
N GLU B 42 -16.60 21.78 27.12
CA GLU B 42 -16.16 22.27 28.43
C GLU B 42 -14.66 22.26 28.68
N HIS B 43 -14.24 23.18 29.54
CA HIS B 43 -12.84 23.33 29.93
C HIS B 43 -12.42 22.20 30.89
N GLU B 44 -11.16 21.77 30.78
CA GLU B 44 -10.63 20.71 31.63
C GLU B 44 -10.89 20.99 33.11
N ALA B 45 -10.49 22.18 33.55
CA ALA B 45 -10.67 22.58 34.94
C ALA B 45 -12.09 22.30 35.40
N MET B 46 -13.05 22.44 34.52
CA MET B 46 -14.44 22.21 34.89
C MET B 46 -14.69 20.75 35.21
N LYS B 47 -14.08 19.85 34.47
CA LYS B 47 -14.30 18.44 34.72
C LYS B 47 -13.61 18.02 36.01
N GLU B 48 -12.46 18.63 36.29
CA GLU B 48 -11.71 18.34 37.51
C GLU B 48 -12.50 18.73 38.75
N LEU B 49 -13.07 19.92 38.71
CA LEU B 49 -13.84 20.42 39.84
C LEU B 49 -15.13 19.64 40.00
N ARG B 50 -15.64 19.06 38.91
CA ARG B 50 -16.86 18.29 39.04
C ARG B 50 -16.52 17.03 39.81
N GLU B 51 -15.45 16.36 39.38
CA GLU B 51 -15.02 15.14 40.05
C GLU B 51 -14.71 15.44 41.52
N VAL B 52 -13.99 16.54 41.76
CA VAL B 52 -13.66 16.92 43.13
C VAL B 52 -14.95 17.02 43.93
N THR B 53 -15.90 17.79 43.44
CA THR B 53 -17.17 17.95 44.13
C THR B 53 -17.88 16.62 44.33
N ALA B 54 -17.65 15.66 43.44
CA ALA B 54 -18.28 14.35 43.53
C ALA B 54 -17.76 13.56 44.74
N LYS B 55 -16.62 13.99 45.28
CA LYS B 55 -16.03 13.35 46.44
C LYS B 55 -16.21 14.20 47.69
N HIS B 56 -17.34 14.87 47.83
CA HIS B 56 -17.55 15.70 49.00
C HIS B 56 -18.35 14.89 49.98
N PRO B 57 -17.83 14.72 51.21
CA PRO B 57 -18.50 13.94 52.25
C PRO B 57 -20.02 13.86 52.14
N TRP B 58 -20.68 14.99 51.87
CA TRP B 58 -22.13 14.94 51.72
C TRP B 58 -22.67 15.67 50.49
N ASN B 59 -22.55 14.97 49.37
CA ASN B 59 -22.99 15.45 48.07
C ASN B 59 -24.51 15.51 48.07
N ILE B 60 -25.07 16.54 48.69
CA ILE B 60 -26.52 16.69 48.76
C ILE B 60 -27.02 17.65 47.69
N MET B 61 -26.10 18.23 46.92
CA MET B 61 -26.51 19.21 45.93
C MET B 61 -25.53 19.42 44.78
N THR B 62 -25.45 20.69 44.39
CA THR B 62 -24.59 21.23 43.34
C THR B 62 -24.40 20.51 42.00
N THR B 63 -23.59 21.19 41.19
CA THR B 63 -23.16 20.79 39.87
C THR B 63 -24.19 20.30 38.87
N SER B 64 -24.51 21.18 37.94
CA SER B 64 -25.41 20.90 36.84
C SER B 64 -24.40 21.23 35.76
N ALA B 65 -23.86 20.21 35.10
CA ALA B 65 -22.87 20.44 34.07
C ALA B 65 -23.29 21.59 33.14
N ASP B 66 -24.58 21.64 32.84
CA ASP B 66 -25.16 22.65 31.96
C ASP B 66 -25.19 24.09 32.47
N GLU B 67 -25.08 24.31 33.78
CA GLU B 67 -25.11 25.67 34.32
C GLU B 67 -23.85 26.47 34.02
N GLY B 68 -22.75 25.78 33.76
CA GLY B 68 -21.50 26.46 33.47
C GLY B 68 -21.43 26.94 32.05
N GLN B 69 -21.94 26.11 31.14
CA GLN B 69 -21.98 26.44 29.73
C GLN B 69 -22.87 27.68 29.61
N PHE B 70 -23.97 27.68 30.36
CA PHE B 70 -24.87 28.82 30.30
C PHE B 70 -24.24 30.10 30.85
N LEU B 71 -23.80 30.08 32.11
CA LEU B 71 -23.17 31.25 32.74
C LEU B 71 -21.99 31.76 31.93
N SER B 72 -21.26 30.83 31.34
CA SER B 72 -20.12 31.16 30.51
C SER B 72 -20.62 32.05 29.37
N MET B 73 -21.56 31.52 28.58
CA MET B 73 -22.15 32.25 27.47
C MET B 73 -22.64 33.62 27.93
N LEU B 74 -23.55 33.63 28.89
CA LEU B 74 -24.13 34.87 29.39
C LEU B 74 -23.08 35.93 29.70
N LEU B 75 -22.07 35.56 30.47
CA LEU B 75 -20.97 36.47 30.87
C LEU B 75 -20.21 37.01 29.67
N LYS B 76 -19.83 36.12 28.75
CA LYS B 76 -19.12 36.56 27.56
C LYS B 76 -20.02 37.57 26.84
N LEU B 77 -21.30 37.25 26.69
CA LEU B 77 -22.24 38.15 26.01
C LEU B 77 -22.44 39.54 26.63
N ILE B 78 -22.49 39.62 27.95
CA ILE B 78 -22.68 40.92 28.59
C ILE B 78 -21.36 41.59 28.91
N ASN B 79 -20.26 40.98 28.50
CA ASN B 79 -18.94 41.53 28.79
C ASN B 79 -18.74 41.90 30.24
N ALA B 80 -19.08 40.97 31.14
CA ALA B 80 -18.93 41.21 32.56
C ALA B 80 -17.44 41.26 32.93
N LYS B 81 -17.08 42.21 33.77
CA LYS B 81 -15.70 42.41 34.20
C LYS B 81 -15.57 42.39 35.72
N ASN B 82 -16.57 42.92 36.39
CA ASN B 82 -16.52 42.96 37.84
C ASN B 82 -17.77 42.31 38.42
N THR B 83 -17.64 41.06 38.86
CA THR B 83 -18.77 40.32 39.39
C THR B 83 -18.77 40.10 40.89
N MET B 84 -19.79 39.36 41.35
CA MET B 84 -19.97 39.02 42.77
C MET B 84 -20.69 37.68 42.77
N GLU B 85 -20.51 36.90 43.83
CA GLU B 85 -21.16 35.62 43.89
C GLU B 85 -21.46 35.23 45.32
N ILE B 86 -22.73 35.16 45.67
CA ILE B 86 -23.13 34.77 47.01
C ILE B 86 -23.48 33.28 46.97
N GLY B 87 -22.67 32.47 47.65
CA GLY B 87 -22.86 31.03 47.65
C GLY B 87 -21.80 30.45 46.71
N VAL B 88 -20.64 30.13 47.26
CA VAL B 88 -19.54 29.60 46.45
C VAL B 88 -19.46 28.09 46.40
N TYR B 89 -19.30 27.44 47.56
CA TYR B 89 -19.23 25.98 47.65
C TYR B 89 -18.38 25.29 46.61
N THR B 90 -17.17 24.88 46.96
CA THR B 90 -16.35 24.17 45.97
C THR B 90 -15.93 25.03 44.79
N GLY B 91 -16.79 25.97 44.40
CA GLY B 91 -16.48 26.87 43.31
C GLY B 91 -16.71 26.48 41.87
N TYR B 92 -17.78 25.73 41.57
CA TYR B 92 -18.04 25.33 40.19
C TYR B 92 -18.49 26.50 39.31
N SER B 93 -19.46 27.27 39.78
CA SER B 93 -19.91 28.42 39.00
C SER B 93 -18.90 29.56 39.16
N LEU B 94 -18.05 29.46 40.17
CA LEU B 94 -17.01 30.46 40.40
C LEU B 94 -15.93 30.24 39.34
N LEU B 95 -15.54 28.99 39.16
CA LEU B 95 -14.54 28.62 38.20
C LEU B 95 -15.03 29.05 36.83
N ALA B 96 -16.30 28.80 36.57
CA ALA B 96 -16.90 29.15 35.28
C ALA B 96 -16.88 30.65 35.04
N THR B 97 -17.16 31.43 36.09
CA THR B 97 -17.15 32.86 35.98
C THR B 97 -15.71 33.33 35.77
N ALA B 98 -14.77 32.78 36.53
CA ALA B 98 -13.36 33.15 36.44
C ALA B 98 -12.72 32.75 35.10
N LEU B 99 -13.11 31.61 34.57
CA LEU B 99 -12.57 31.20 33.28
C LEU B 99 -13.23 32.02 32.16
N ALA B 100 -14.31 32.73 32.48
CA ALA B 100 -15.04 33.49 31.48
C ALA B 100 -14.77 34.97 31.35
N ILE B 101 -14.69 35.68 32.47
CA ILE B 101 -14.46 37.11 32.43
C ILE B 101 -13.02 37.37 32.06
N PRO B 102 -12.72 38.61 31.61
CA PRO B 102 -11.36 39.00 31.21
C PRO B 102 -10.31 38.91 32.33
N GLU B 103 -9.04 38.91 31.93
CA GLU B 103 -7.94 38.79 32.87
C GLU B 103 -8.01 39.82 33.98
N ASP B 104 -8.35 41.06 33.63
CA ASP B 104 -8.43 42.12 34.61
C ASP B 104 -9.76 42.12 35.35
N GLY B 105 -10.50 41.01 35.22
CA GLY B 105 -11.80 40.86 35.88
C GLY B 105 -11.69 40.59 37.36
N LYS B 106 -12.73 40.92 38.11
CA LYS B 106 -12.68 40.71 39.55
C LYS B 106 -14.00 40.20 40.10
N ILE B 107 -13.92 39.15 40.92
CA ILE B 107 -15.09 38.52 41.50
C ILE B 107 -15.09 38.47 43.02
N LEU B 108 -16.06 39.13 43.65
CA LEU B 108 -16.16 39.10 45.10
C LEU B 108 -16.93 37.85 45.48
N ALA B 109 -16.22 36.83 45.95
CA ALA B 109 -16.83 35.57 46.32
C ALA B 109 -17.20 35.53 47.78
N MET B 110 -18.46 35.22 48.06
CA MET B 110 -18.90 35.12 49.45
C MET B 110 -19.58 33.80 49.73
N ASP B 111 -19.11 33.12 50.76
CA ASP B 111 -19.68 31.87 51.20
C ASP B 111 -19.50 31.76 52.70
N ILE B 112 -20.24 30.86 53.33
CA ILE B 112 -20.19 30.69 54.76
C ILE B 112 -19.20 29.60 55.20
N ASN B 113 -18.74 28.80 54.25
CA ASN B 113 -17.84 27.69 54.56
C ASN B 113 -16.54 27.67 53.72
N LYS B 114 -15.46 28.25 54.25
CA LYS B 114 -14.17 28.31 53.55
C LYS B 114 -13.61 26.93 53.22
N GLU B 115 -14.11 25.91 53.90
CA GLU B 115 -13.62 24.56 53.70
C GLU B 115 -13.96 24.05 52.32
N ASN B 116 -15.22 24.19 51.97
CA ASN B 116 -15.72 23.74 50.68
C ASN B 116 -14.99 24.42 49.53
N TYR B 117 -14.80 25.73 49.65
CA TYR B 117 -14.10 26.49 48.63
C TYR B 117 -12.67 25.99 48.48
N GLU B 118 -12.03 25.69 49.62
CA GLU B 118 -10.66 25.21 49.62
C GLU B 118 -10.52 23.79 49.13
N LEU B 119 -11.65 23.12 49.01
CA LEU B 119 -11.66 21.75 48.51
C LEU B 119 -11.50 21.82 46.98
N GLY B 120 -12.00 22.92 46.40
CA GLY B 120 -11.91 23.12 44.97
C GLY B 120 -10.80 24.07 44.58
N LEU B 121 -10.42 24.97 45.49
CA LEU B 121 -9.38 25.96 45.21
C LEU B 121 -8.14 25.43 44.50
N PRO B 122 -7.71 24.19 44.80
CA PRO B 122 -6.52 23.77 44.05
C PRO B 122 -6.82 23.73 42.54
N VAL B 123 -8.08 23.54 42.18
CA VAL B 123 -8.44 23.49 40.76
C VAL B 123 -8.36 24.90 40.15
N ILE B 124 -8.98 25.86 40.81
CA ILE B 124 -8.96 27.24 40.37
C ILE B 124 -7.51 27.74 40.25
N LYS B 125 -6.68 27.45 41.25
CA LYS B 125 -5.27 27.86 41.22
C LYS B 125 -4.56 27.33 39.99
N LYS B 126 -4.85 26.07 39.66
CA LYS B 126 -4.26 25.41 38.50
C LYS B 126 -4.74 26.08 37.20
N ALA B 127 -6.04 26.31 37.07
CA ALA B 127 -6.57 26.97 35.87
C ALA B 127 -6.00 28.38 35.78
N GLY B 128 -5.21 28.75 36.78
CA GLY B 128 -4.57 30.06 36.82
C GLY B 128 -5.47 31.26 36.89
N VAL B 129 -6.63 31.14 37.54
CA VAL B 129 -7.53 32.26 37.62
C VAL B 129 -7.90 32.68 39.04
N ASP B 130 -7.23 32.13 40.04
CA ASP B 130 -7.54 32.50 41.41
C ASP B 130 -7.15 33.95 41.76
N HIS B 131 -6.29 34.57 40.96
CA HIS B 131 -5.91 35.95 41.26
C HIS B 131 -7.13 36.85 41.11
N LYS B 132 -8.07 36.45 40.26
CA LYS B 132 -9.29 37.22 40.00
C LYS B 132 -10.26 37.24 41.17
N ILE B 133 -10.16 36.24 42.04
CA ILE B 133 -11.08 36.06 43.17
C ILE B 133 -10.78 36.72 44.51
N ASP B 134 -11.80 37.33 45.11
CA ASP B 134 -11.65 37.93 46.44
C ASP B 134 -12.64 37.16 47.30
N PHE B 135 -12.17 36.08 47.93
CA PHE B 135 -13.03 35.26 48.77
C PHE B 135 -13.23 35.84 50.16
N ARG B 136 -14.38 35.54 50.75
CA ARG B 136 -14.65 36.03 52.08
C ARG B 136 -15.62 35.15 52.83
N GLU B 137 -15.09 34.34 53.74
CA GLU B 137 -15.93 33.46 54.54
C GLU B 137 -16.77 34.33 55.47
N GLY B 138 -18.02 33.92 55.67
CA GLY B 138 -18.92 34.67 56.53
C GLY B 138 -20.17 35.18 55.86
N PRO B 139 -21.25 35.39 56.62
CA PRO B 139 -22.55 35.88 56.13
C PRO B 139 -22.39 37.05 55.17
N ALA B 140 -23.17 37.04 54.10
CA ALA B 140 -23.11 38.08 53.09
C ALA B 140 -24.00 39.26 53.40
N LEU B 141 -25.13 38.98 54.04
CA LEU B 141 -26.09 40.02 54.37
C LEU B 141 -25.44 41.27 55.02
N PRO B 142 -24.48 41.07 55.95
CA PRO B 142 -23.80 42.21 56.61
C PRO B 142 -22.87 42.91 55.63
N VAL B 143 -21.96 42.12 55.03
CA VAL B 143 -21.01 42.64 54.07
C VAL B 143 -21.74 43.42 53.01
N LEU B 144 -22.96 42.98 52.73
CA LEU B 144 -23.81 43.62 51.73
C LEU B 144 -24.35 44.95 52.25
N ASP B 145 -24.86 44.95 53.48
CA ASP B 145 -25.39 46.18 54.07
C ASP B 145 -24.31 47.27 54.15
N GLU B 146 -23.12 46.89 54.61
CA GLU B 146 -22.02 47.85 54.70
C GLU B 146 -21.74 48.43 53.34
N MET B 147 -21.36 47.55 52.41
CA MET B 147 -21.04 47.93 51.04
C MET B 147 -22.04 48.94 50.48
N ILE B 148 -23.29 48.84 50.91
CA ILE B 148 -24.37 49.70 50.43
C ILE B 148 -24.39 51.12 51.05
N LYS B 149 -23.53 51.37 52.03
CA LYS B 149 -23.46 52.67 52.68
C LYS B 149 -22.93 53.73 51.73
N ASP B 150 -21.85 53.43 51.03
CA ASP B 150 -21.24 54.40 50.10
C ASP B 150 -21.74 54.29 48.65
N GLU B 151 -22.57 55.25 48.25
CA GLU B 151 -23.14 55.29 46.90
C GLU B 151 -22.12 55.17 45.76
N LYS B 152 -20.85 54.98 46.11
CA LYS B 152 -19.82 54.80 45.10
C LYS B 152 -19.83 53.31 44.72
N ASN B 153 -20.45 52.52 45.59
CA ASN B 153 -20.56 51.09 45.38
C ASN B 153 -21.92 50.75 44.74
N HIS B 154 -22.78 51.75 44.58
CA HIS B 154 -24.08 51.54 43.96
C HIS B 154 -23.93 51.46 42.45
N GLY B 155 -24.49 50.41 41.86
CA GLY B 155 -24.40 50.24 40.43
C GLY B 155 -22.99 49.96 39.98
N SER B 156 -22.22 49.26 40.83
CA SER B 156 -20.83 48.95 40.50
C SER B 156 -20.54 47.52 40.01
N TYR B 157 -21.53 46.63 40.08
CA TYR B 157 -21.33 45.25 39.63
C TYR B 157 -21.95 44.99 38.27
N ASP B 158 -21.25 44.23 37.44
CA ASP B 158 -21.78 43.92 36.12
C ASP B 158 -22.68 42.70 36.19
N PHE B 159 -22.39 41.82 37.14
CA PHE B 159 -23.11 40.57 37.27
C PHE B 159 -22.98 40.04 38.71
N ILE B 160 -24.10 39.66 39.31
CA ILE B 160 -24.11 39.12 40.65
C ILE B 160 -24.87 37.82 40.54
N PHE B 161 -24.30 36.74 41.06
CA PHE B 161 -24.96 35.44 40.98
C PHE B 161 -25.21 34.88 42.35
N VAL B 162 -26.48 34.66 42.67
CA VAL B 162 -26.84 34.14 43.98
C VAL B 162 -27.26 32.69 43.97
N ASP B 163 -26.60 31.90 44.81
CA ASP B 163 -26.90 30.47 44.95
C ASP B 163 -26.57 30.05 46.36
N ALA B 164 -27.29 30.62 47.30
CA ALA B 164 -27.05 30.32 48.68
C ALA B 164 -28.23 29.62 49.32
N ASP B 165 -28.44 29.96 50.58
CA ASP B 165 -29.50 29.42 51.42
C ASP B 165 -30.81 29.21 50.69
N LYS B 166 -31.55 30.30 50.43
CA LYS B 166 -32.84 30.26 49.74
C LYS B 166 -33.79 31.11 50.55
N ASP B 167 -33.76 30.91 51.86
CA ASP B 167 -34.61 31.64 52.77
C ASP B 167 -34.20 33.10 52.86
N ASN B 168 -33.03 33.40 52.32
CA ASN B 168 -32.51 34.76 52.34
C ASN B 168 -32.43 35.40 50.95
N TYR B 169 -32.96 34.73 49.93
CA TYR B 169 -32.93 35.25 48.56
C TYR B 169 -33.58 36.62 48.45
N LEU B 170 -34.78 36.75 49.01
CA LEU B 170 -35.49 38.02 48.96
C LEU B 170 -34.67 39.12 49.62
N ASN B 171 -34.00 38.78 50.73
CA ASN B 171 -33.18 39.75 51.46
C ASN B 171 -32.00 40.24 50.64
N TYR B 172 -31.23 39.32 50.08
CA TYR B 172 -30.09 39.72 49.29
C TYR B 172 -30.55 40.69 48.20
N HIS B 173 -31.72 40.38 47.64
CA HIS B 173 -32.29 41.18 46.56
C HIS B 173 -32.49 42.64 46.89
N LYS B 174 -32.97 42.92 48.11
CA LYS B 174 -33.19 44.30 48.56
C LYS B 174 -31.91 45.13 48.41
N ARG B 175 -30.75 44.47 48.58
CA ARG B 175 -29.48 45.17 48.47
C ARG B 175 -28.92 45.06 47.03
N LEU B 176 -28.75 43.83 46.57
CA LEU B 176 -28.22 43.54 45.26
C LEU B 176 -28.73 44.42 44.12
N ILE B 177 -29.99 44.83 44.20
CA ILE B 177 -30.60 45.67 43.15
C ILE B 177 -29.92 47.04 43.06
N ASP B 178 -29.45 47.56 44.20
CA ASP B 178 -28.76 48.85 44.22
C ASP B 178 -27.31 48.70 43.75
N LEU B 179 -26.71 47.57 44.09
CA LEU B 179 -25.32 47.30 43.74
C LEU B 179 -25.13 46.96 42.26
N VAL B 180 -26.17 46.48 41.60
CA VAL B 180 -26.04 46.14 40.18
C VAL B 180 -26.21 47.36 39.31
N LYS B 181 -25.33 47.53 38.35
CA LYS B 181 -25.46 48.69 37.48
C LYS B 181 -26.78 48.51 36.72
N VAL B 182 -27.41 49.60 36.30
CA VAL B 182 -28.63 49.48 35.50
C VAL B 182 -28.21 48.76 34.20
N GLY B 183 -28.90 47.68 33.88
CA GLY B 183 -28.55 46.93 32.69
C GLY B 183 -27.76 45.70 33.12
N GLY B 184 -27.25 45.76 34.34
CA GLY B 184 -26.50 44.65 34.88
C GLY B 184 -27.47 43.52 35.17
N VAL B 185 -26.97 42.29 35.29
CA VAL B 185 -27.86 41.18 35.59
C VAL B 185 -27.55 40.47 36.89
N ILE B 186 -28.60 40.14 37.62
CA ILE B 186 -28.49 39.39 38.88
C ILE B 186 -29.11 38.03 38.55
N GLY B 187 -28.49 36.94 38.97
CA GLY B 187 -29.07 35.64 38.69
C GLY B 187 -29.31 34.81 39.92
N TYR B 188 -30.55 34.34 40.11
CA TYR B 188 -30.88 33.48 41.25
C TYR B 188 -30.96 32.01 40.80
N ASP B 189 -30.26 31.12 41.52
CA ASP B 189 -30.23 29.69 41.18
C ASP B 189 -31.27 28.87 41.95
N ASN B 190 -31.68 27.76 41.33
CA ASN B 190 -32.65 26.81 41.90
C ASN B 190 -34.05 27.37 42.08
N THR B 191 -34.54 28.15 41.12
CA THR B 191 -35.87 28.75 41.27
C THR B 191 -37.06 27.94 40.80
N LEU B 192 -36.82 26.72 40.37
CA LEU B 192 -37.93 25.86 39.99
C LEU B 192 -37.98 24.77 41.05
N TRP B 193 -37.01 24.81 41.95
CA TRP B 193 -36.91 23.88 43.09
C TRP B 193 -37.41 22.49 42.78
N ASN B 194 -37.02 21.97 41.63
CA ASN B 194 -37.43 20.65 41.16
C ASN B 194 -38.95 20.62 40.89
N GLY B 195 -39.74 20.68 41.96
CA GLY B 195 -41.17 20.66 41.82
C GLY B 195 -41.77 21.62 42.82
N SER B 196 -42.52 22.57 42.26
CA SER B 196 -43.20 23.63 43.01
C SER B 196 -44.56 23.81 42.36
N VAL B 197 -45.02 22.75 41.69
CA VAL B 197 -46.32 22.70 41.05
C VAL B 197 -46.81 21.29 41.34
N VAL B 198 -46.36 20.77 42.47
CA VAL B 198 -46.74 19.43 42.88
C VAL B 198 -48.11 19.43 43.52
N ALA B 199 -48.89 18.40 43.19
CA ALA B 199 -50.23 18.28 43.72
C ALA B 199 -50.19 18.45 45.24
N PRO B 200 -51.07 19.30 45.78
CA PRO B 200 -51.13 19.54 47.22
C PRO B 200 -51.38 18.25 47.99
N PRO B 201 -52.35 17.43 47.53
CA PRO B 201 -52.64 16.18 48.23
C PRO B 201 -51.38 15.35 48.26
N ASP B 202 -50.64 15.39 47.15
CA ASP B 202 -49.41 14.65 47.05
C ASP B 202 -48.51 14.84 48.26
N ALA B 203 -48.67 13.97 49.25
CA ALA B 203 -47.85 14.03 50.44
C ALA B 203 -46.38 13.86 50.01
N PRO B 204 -46.15 13.03 48.97
CA PRO B 204 -44.78 12.82 48.49
C PRO B 204 -43.97 14.09 48.30
N LEU B 205 -43.29 14.51 49.36
CA LEU B 205 -42.43 15.67 49.37
C LEU B 205 -41.70 15.62 50.70
N ARG B 206 -40.44 15.20 50.67
CA ARG B 206 -39.68 15.13 51.89
C ARG B 206 -39.78 16.49 52.59
N LYS B 207 -39.90 16.47 53.91
CA LYS B 207 -40.00 17.71 54.65
C LYS B 207 -38.98 18.75 54.20
N TYR B 208 -37.82 18.30 53.75
CA TYR B 208 -36.79 19.23 53.32
C TYR B 208 -37.12 20.05 52.08
N VAL B 209 -37.69 19.43 51.06
CA VAL B 209 -37.99 20.18 49.88
C VAL B 209 -39.22 21.04 50.11
N ARG B 210 -40.16 20.50 50.89
CA ARG B 210 -41.38 21.25 51.16
C ARG B 210 -41.06 22.51 51.98
N TYR B 211 -40.13 22.37 52.92
CA TYR B 211 -39.72 23.47 53.78
C TYR B 211 -39.13 24.62 53.00
N TYR B 212 -38.30 24.33 52.00
CA TYR B 212 -37.68 25.39 51.25
C TYR B 212 -38.52 25.87 50.08
N ARG B 213 -39.45 25.02 49.66
CA ARG B 213 -40.32 25.36 48.55
C ARG B 213 -41.10 26.65 48.76
N ASP B 214 -41.58 26.85 49.98
CA ASP B 214 -42.34 28.04 50.30
C ASP B 214 -41.60 29.33 50.02
N PHE B 215 -40.31 29.35 50.32
CA PHE B 215 -39.50 30.54 50.09
C PHE B 215 -39.34 30.77 48.58
N VAL B 216 -39.08 29.68 47.87
CA VAL B 216 -38.88 29.74 46.44
C VAL B 216 -40.11 30.30 45.75
N LEU B 217 -41.28 29.85 46.15
CA LEU B 217 -42.54 30.34 45.57
C LEU B 217 -42.64 31.83 45.82
N GLU B 218 -42.31 32.26 47.03
CA GLU B 218 -42.37 33.68 47.38
C GLU B 218 -41.34 34.50 46.59
N LEU B 219 -40.12 33.98 46.50
CA LEU B 219 -39.07 34.67 45.76
C LEU B 219 -39.56 34.94 44.35
N ASN B 220 -40.13 33.91 43.73
CA ASN B 220 -40.62 34.00 42.37
C ASN B 220 -41.69 35.09 42.20
N LYS B 221 -42.75 35.04 43.01
CA LYS B 221 -43.82 36.03 42.94
C LYS B 221 -43.22 37.42 43.04
N ALA B 222 -42.45 37.63 44.10
CA ALA B 222 -41.79 38.90 44.37
C ALA B 222 -41.05 39.42 43.14
N LEU B 223 -40.17 38.58 42.60
CA LEU B 223 -39.38 38.92 41.44
C LEU B 223 -40.24 39.21 40.21
N ALA B 224 -41.28 38.41 40.01
CA ALA B 224 -42.17 38.58 38.87
C ALA B 224 -42.87 39.92 38.86
N VAL B 225 -43.06 40.48 40.03
CA VAL B 225 -43.74 41.75 40.16
C VAL B 225 -42.81 42.97 40.32
N ASP B 226 -41.52 42.74 40.52
CA ASP B 226 -40.57 43.85 40.71
C ASP B 226 -40.49 44.84 39.55
N PRO B 227 -40.81 46.11 39.82
CA PRO B 227 -40.80 47.19 38.83
C PRO B 227 -39.42 47.48 38.26
N ARG B 228 -38.39 47.22 39.06
CA ARG B 228 -37.01 47.54 38.70
C ARG B 228 -36.24 46.56 37.82
N ILE B 229 -36.84 45.41 37.50
CA ILE B 229 -36.15 44.42 36.71
C ILE B 229 -36.99 43.85 35.59
N GLU B 230 -36.41 42.90 34.84
CA GLU B 230 -37.12 42.24 33.74
C GLU B 230 -37.46 40.78 34.01
N ILE B 231 -36.44 39.97 34.21
CA ILE B 231 -36.60 38.52 34.49
C ILE B 231 -37.02 37.57 33.38
N CYS B 232 -36.30 36.44 33.38
CA CYS B 232 -36.50 35.38 32.43
C CYS B 232 -36.11 34.12 33.19
N MET B 233 -37.10 33.24 33.43
CA MET B 233 -36.88 31.98 34.14
C MET B 233 -36.47 30.92 33.16
N LEU B 234 -35.25 30.44 33.31
CA LEU B 234 -34.74 29.44 32.40
C LEU B 234 -34.68 28.06 33.01
N PRO B 235 -35.22 27.07 32.30
CA PRO B 235 -35.17 25.72 32.84
C PRO B 235 -33.76 25.11 32.63
N VAL B 236 -32.75 25.82 33.10
CA VAL B 236 -31.39 25.33 33.00
C VAL B 236 -31.00 24.84 34.40
N GLY B 237 -30.36 23.67 34.47
CA GLY B 237 -30.00 23.14 35.78
C GLY B 237 -31.27 22.95 36.58
N ASP B 238 -31.33 23.50 37.78
CA ASP B 238 -32.55 23.36 38.57
C ASP B 238 -33.37 24.64 38.51
N GLY B 239 -33.21 25.38 37.42
CA GLY B 239 -33.94 26.62 37.25
C GLY B 239 -33.15 27.86 37.65
N ILE B 240 -32.91 28.72 36.66
CA ILE B 240 -32.18 29.95 36.92
C ILE B 240 -33.00 31.14 36.45
N THR B 241 -33.16 32.13 37.32
CA THR B 241 -33.92 33.34 36.97
C THR B 241 -32.97 34.51 36.72
N ILE B 242 -32.80 34.87 35.46
CA ILE B 242 -31.94 35.97 35.09
C ILE B 242 -32.73 37.26 35.29
N CYS B 243 -32.15 38.25 35.96
CA CYS B 243 -32.83 39.53 36.19
C CYS B 243 -31.98 40.65 35.61
N ARG B 244 -32.59 41.52 34.81
CA ARG B 244 -31.88 42.67 34.22
C ARG B 244 -32.40 43.91 34.94
N ARG B 245 -31.52 44.74 35.49
CA ARG B 245 -31.96 45.94 36.19
C ARG B 245 -32.37 47.06 35.23
N ILE B 246 -33.61 47.56 35.35
CA ILE B 246 -34.05 48.61 34.44
C ILE B 246 -33.97 50.02 34.99
N LYS B 247 -34.09 50.19 36.31
CA LYS B 247 -33.97 51.50 36.93
C LYS B 247 -33.72 51.40 38.43
N LYS C 21 17.79 -7.17 -6.42
CA LYS C 21 17.75 -5.69 -6.33
C LYS C 21 16.32 -5.17 -6.16
N SER C 22 16.16 -4.19 -5.27
CA SER C 22 14.87 -3.59 -4.99
C SER C 22 14.88 -2.15 -5.48
N LEU C 23 14.01 -1.33 -4.89
CA LEU C 23 13.89 0.07 -5.27
C LEU C 23 14.69 0.99 -4.36
N LEU C 24 15.13 0.45 -3.24
CA LEU C 24 15.89 1.21 -2.27
C LEU C 24 17.30 1.49 -2.78
N GLN C 25 18.03 2.31 -2.05
CA GLN C 25 19.40 2.69 -2.41
C GLN C 25 20.36 1.54 -2.62
N SER C 26 20.40 0.63 -1.66
CA SER C 26 21.30 -0.50 -1.73
C SER C 26 20.54 -1.78 -1.49
N ASP C 27 21.25 -2.90 -1.61
CA ASP C 27 20.65 -4.19 -1.38
C ASP C 27 20.72 -4.50 0.11
N ALA C 28 21.73 -3.92 0.75
CA ALA C 28 21.95 -4.10 2.17
C ALA C 28 20.87 -3.37 2.94
N LEU C 29 20.51 -2.19 2.45
CA LEU C 29 19.48 -1.43 3.12
C LEU C 29 18.20 -2.23 3.10
N TYR C 30 17.93 -2.83 1.95
CA TYR C 30 16.74 -3.64 1.79
C TYR C 30 16.82 -4.87 2.71
N GLN C 31 18.00 -5.47 2.79
CA GLN C 31 18.20 -6.63 3.65
C GLN C 31 18.06 -6.20 5.12
N TYR C 32 18.64 -5.07 5.46
CA TYR C 32 18.57 -4.57 6.83
C TYR C 32 17.11 -4.51 7.24
N ILE C 33 16.24 -4.15 6.29
CA ILE C 33 14.83 -4.06 6.60
C ILE C 33 14.25 -5.45 6.86
N LEU C 34 14.65 -6.40 6.03
CA LEU C 34 14.18 -7.78 6.16
C LEU C 34 14.80 -8.53 7.33
N GLU C 35 16.12 -8.39 7.49
CA GLU C 35 16.85 -9.05 8.57
C GLU C 35 16.30 -8.67 9.94
N THR C 36 16.18 -7.37 10.18
CA THR C 36 15.71 -6.89 11.48
C THR C 36 14.20 -6.82 11.68
N SER C 37 13.46 -6.31 10.69
CA SER C 37 12.02 -6.17 10.81
C SER C 37 11.13 -7.31 10.35
N VAL C 38 11.49 -7.92 9.22
CA VAL C 38 10.67 -8.99 8.64
C VAL C 38 10.88 -10.44 9.10
N PHE C 39 11.93 -11.10 8.63
CA PHE C 39 12.19 -12.49 9.01
C PHE C 39 11.94 -12.83 10.48
N PRO C 40 12.41 -11.98 11.42
CA PRO C 40 12.22 -12.26 12.84
C PRO C 40 10.79 -12.57 13.24
N ARG C 41 9.89 -11.59 13.11
CA ARG C 41 8.52 -11.84 13.49
C ARG C 41 7.66 -12.23 12.31
N GLU C 42 8.32 -12.59 11.22
CA GLU C 42 7.60 -13.03 10.04
C GLU C 42 6.66 -14.14 10.44
N HIS C 43 5.50 -14.17 9.78
CA HIS C 43 4.47 -15.15 10.04
C HIS C 43 4.98 -16.56 9.80
N GLU C 44 4.22 -17.54 10.25
CA GLU C 44 4.57 -18.94 10.08
C GLU C 44 4.34 -19.42 8.65
N ALA C 45 5.37 -20.02 8.04
CA ALA C 45 5.24 -20.55 6.70
C ALA C 45 5.34 -19.54 5.57
N MET C 46 5.28 -18.26 5.88
CA MET C 46 5.41 -17.26 4.83
C MET C 46 6.73 -17.58 4.14
N LYS C 47 7.63 -18.20 4.90
CA LYS C 47 8.94 -18.59 4.40
C LYS C 47 8.78 -19.93 3.68
N GLU C 48 7.78 -20.72 4.10
CA GLU C 48 7.51 -22.00 3.46
C GLU C 48 6.99 -21.68 2.07
N LEU C 49 5.85 -20.99 2.04
CA LEU C 49 5.19 -20.59 0.80
C LEU C 49 6.11 -19.78 -0.12
N ARG C 50 7.12 -19.16 0.45
CA ARG C 50 8.05 -18.35 -0.33
C ARG C 50 9.15 -19.21 -0.91
N GLU C 51 9.44 -20.34 -0.25
CA GLU C 51 10.48 -21.25 -0.73
C GLU C 51 9.83 -22.25 -1.69
N VAL C 52 8.52 -22.17 -1.78
CA VAL C 52 7.73 -23.00 -2.68
C VAL C 52 7.70 -22.28 -4.01
N THR C 53 7.47 -20.97 -3.94
CA THR C 53 7.43 -20.13 -5.12
C THR C 53 8.80 -20.05 -5.75
N ALA C 54 9.81 -20.53 -5.04
CA ALA C 54 11.17 -20.53 -5.56
C ALA C 54 11.34 -21.85 -6.31
N LYS C 55 10.43 -22.77 -6.06
CA LYS C 55 10.44 -24.08 -6.71
C LYS C 55 9.61 -24.04 -8.02
N HIS C 56 8.86 -22.96 -8.20
CA HIS C 56 8.03 -22.80 -9.40
C HIS C 56 8.92 -22.86 -10.64
N PRO C 57 8.48 -23.61 -11.66
CA PRO C 57 9.19 -23.80 -12.93
C PRO C 57 9.49 -22.55 -13.74
N TRP C 58 8.62 -21.56 -13.70
CA TRP C 58 8.86 -20.36 -14.47
C TRP C 58 9.65 -19.25 -13.78
N ASN C 59 9.69 -19.27 -12.44
CA ASN C 59 10.41 -18.26 -11.67
C ASN C 59 9.85 -16.87 -12.00
N ILE C 60 9.06 -16.84 -13.08
CA ILE C 60 8.42 -15.64 -13.59
C ILE C 60 8.90 -14.31 -13.01
N MET C 61 8.42 -13.94 -11.80
CA MET C 61 8.84 -12.67 -11.22
C MET C 61 8.80 -12.49 -9.69
N THR C 62 8.97 -11.22 -9.30
CA THR C 62 9.02 -10.75 -7.92
C THR C 62 8.08 -11.32 -6.84
N THR C 63 8.71 -11.78 -5.77
CA THR C 63 8.00 -12.32 -4.61
C THR C 63 8.66 -11.65 -3.39
N SER C 64 8.28 -10.40 -3.14
CA SER C 64 8.83 -9.59 -2.04
C SER C 64 8.47 -10.03 -0.63
N ALA C 65 9.49 -10.12 0.22
CA ALA C 65 9.33 -10.53 1.60
C ALA C 65 8.64 -9.49 2.49
N ASP C 66 8.74 -8.22 2.12
CA ASP C 66 8.14 -7.16 2.92
C ASP C 66 6.65 -6.87 2.71
N GLU C 67 6.06 -7.33 1.62
CA GLU C 67 4.64 -7.08 1.38
C GLU C 67 3.79 -7.74 2.46
N GLY C 68 4.24 -8.89 2.95
CA GLY C 68 3.50 -9.61 3.97
C GLY C 68 3.30 -8.82 5.24
N GLN C 69 4.39 -8.29 5.79
CA GLN C 69 4.38 -7.50 7.00
C GLN C 69 3.52 -6.24 6.77
N PHE C 70 3.61 -5.69 5.57
CA PHE C 70 2.85 -4.51 5.21
C PHE C 70 1.35 -4.82 5.11
N LEU C 71 0.99 -5.78 4.27
CA LEU C 71 -0.41 -6.14 4.12
C LEU C 71 -1.01 -6.48 5.48
N SER C 72 -0.28 -7.30 6.25
CA SER C 72 -0.73 -7.70 7.58
C SER C 72 -1.10 -6.48 8.43
N MET C 73 -0.16 -5.54 8.55
CA MET C 73 -0.40 -4.33 9.31
C MET C 73 -1.58 -3.54 8.75
N LEU C 74 -1.59 -3.32 7.44
CA LEU C 74 -2.67 -2.53 6.86
C LEU C 74 -4.04 -3.13 7.15
N LEU C 75 -4.16 -4.45 6.99
CA LEU C 75 -5.44 -5.13 7.21
C LEU C 75 -5.93 -5.08 8.66
N LYS C 76 -5.02 -5.27 9.61
CA LYS C 76 -5.42 -5.21 11.00
C LYS C 76 -5.77 -3.76 11.33
N LEU C 77 -5.03 -2.83 10.75
CA LEU C 77 -5.29 -1.42 11.01
C LEU C 77 -6.69 -1.01 10.54
N ILE C 78 -7.03 -1.33 9.30
CA ILE C 78 -8.35 -0.95 8.79
C ILE C 78 -9.44 -1.90 9.24
N ASN C 79 -9.08 -2.89 10.05
CA ASN C 79 -10.05 -3.86 10.57
C ASN C 79 -10.88 -4.53 9.46
N ALA C 80 -10.18 -5.07 8.46
CA ALA C 80 -10.82 -5.71 7.33
C ALA C 80 -11.34 -7.11 7.64
N LYS C 81 -12.59 -7.37 7.26
CA LYS C 81 -13.23 -8.67 7.47
C LYS C 81 -13.66 -9.24 6.12
N ASN C 82 -14.36 -8.46 5.32
CA ASN C 82 -14.81 -8.93 4.01
C ASN C 82 -13.89 -8.37 2.90
N THR C 83 -12.91 -9.17 2.50
CA THR C 83 -11.95 -8.75 1.47
C THR C 83 -12.06 -9.50 0.16
N MET C 84 -11.38 -8.99 -0.85
CA MET C 84 -11.36 -9.59 -2.18
C MET C 84 -9.96 -9.41 -2.74
N GLU C 85 -9.42 -10.47 -3.35
CA GLU C 85 -8.09 -10.45 -3.95
C GLU C 85 -8.19 -10.87 -5.39
N ILE C 86 -7.69 -10.02 -6.28
CA ILE C 86 -7.72 -10.33 -7.71
C ILE C 86 -6.30 -10.49 -8.22
N GLY C 87 -5.89 -11.74 -8.40
CA GLY C 87 -4.55 -12.01 -8.88
C GLY C 87 -3.78 -12.80 -7.84
N VAL C 88 -3.92 -14.12 -7.87
CA VAL C 88 -3.24 -14.96 -6.89
C VAL C 88 -1.85 -15.45 -7.30
N TYR C 89 -1.75 -16.68 -7.78
CA TYR C 89 -0.44 -17.25 -8.16
C TYR C 89 0.25 -17.64 -6.87
N THR C 90 0.36 -18.93 -6.60
CA THR C 90 1.01 -19.40 -5.38
C THR C 90 0.18 -19.01 -4.16
N GLY C 91 -0.17 -17.72 -4.07
CA GLY C 91 -0.97 -17.22 -2.97
C GLY C 91 -0.19 -16.60 -1.84
N TYR C 92 0.88 -15.87 -2.16
CA TYR C 92 1.70 -15.24 -1.12
C TYR C 92 1.01 -14.05 -0.44
N SER C 93 0.41 -13.17 -1.23
CA SER C 93 -0.30 -12.03 -0.66
C SER C 93 -1.64 -12.53 -0.15
N LEU C 94 -2.07 -13.67 -0.68
CA LEU C 94 -3.34 -14.27 -0.28
C LEU C 94 -3.19 -14.91 1.11
N LEU C 95 -2.05 -15.55 1.35
CA LEU C 95 -1.80 -16.18 2.64
C LEU C 95 -1.76 -15.08 3.68
N ALA C 96 -0.99 -14.03 3.36
CA ALA C 96 -0.85 -12.86 4.22
C ALA C 96 -2.25 -12.40 4.63
N THR C 97 -3.04 -11.98 3.65
CA THR C 97 -4.39 -11.52 3.96
C THR C 97 -5.18 -12.52 4.78
N ALA C 98 -5.05 -13.80 4.45
CA ALA C 98 -5.76 -14.84 5.17
C ALA C 98 -5.33 -14.89 6.63
N LEU C 99 -4.00 -14.88 6.88
CA LEU C 99 -3.48 -14.90 8.25
C LEU C 99 -3.73 -13.60 8.99
N ALA C 100 -3.61 -12.48 8.30
CA ALA C 100 -3.80 -11.16 8.90
C ALA C 100 -5.25 -10.85 9.32
N ILE C 101 -6.21 -11.16 8.45
CA ILE C 101 -7.62 -10.89 8.78
C ILE C 101 -8.09 -11.83 9.89
N PRO C 102 -9.29 -11.59 10.42
CA PRO C 102 -9.82 -12.45 11.48
C PRO C 102 -10.35 -13.81 11.02
N GLU C 103 -10.47 -14.74 11.98
CA GLU C 103 -10.97 -16.09 11.72
C GLU C 103 -12.40 -16.01 11.23
N ASP C 104 -13.06 -14.92 11.62
CA ASP C 104 -14.43 -14.63 11.25
C ASP C 104 -14.58 -14.43 9.74
N GLY C 105 -14.55 -13.16 9.32
CA GLY C 105 -14.68 -12.82 7.92
C GLY C 105 -13.98 -13.73 6.93
N LYS C 106 -14.34 -13.59 5.67
CA LYS C 106 -13.77 -14.42 4.61
C LYS C 106 -13.12 -13.57 3.52
N ILE C 107 -12.28 -14.22 2.71
CA ILE C 107 -11.59 -13.55 1.62
C ILE C 107 -12.04 -14.05 0.26
N LEU C 108 -12.85 -13.25 -0.43
CA LEU C 108 -13.30 -13.63 -1.77
C LEU C 108 -12.02 -13.57 -2.60
N ALA C 109 -11.24 -14.65 -2.54
CA ALA C 109 -9.97 -14.71 -3.27
C ALA C 109 -10.20 -14.78 -4.77
N MET C 110 -11.01 -13.86 -5.27
CA MET C 110 -11.37 -13.78 -6.68
C MET C 110 -10.72 -14.85 -7.51
N ASP C 111 -9.54 -14.59 -8.04
CA ASP C 111 -8.91 -15.61 -8.86
C ASP C 111 -7.59 -15.25 -9.51
N ILE C 112 -7.30 -16.06 -10.51
CA ILE C 112 -6.14 -16.00 -11.38
C ILE C 112 -6.59 -16.93 -12.50
N ASN C 113 -5.74 -17.13 -13.51
CA ASN C 113 -6.08 -17.99 -14.63
C ASN C 113 -5.47 -19.39 -14.49
N LYS C 114 -4.18 -19.44 -14.15
CA LYS C 114 -3.50 -20.72 -13.97
C LYS C 114 -3.64 -21.22 -12.53
N GLU C 115 -3.31 -22.49 -12.29
CA GLU C 115 -3.41 -23.04 -10.96
C GLU C 115 -2.09 -23.19 -10.24
N ASN C 116 -1.41 -22.06 -10.10
CA ASN C 116 -0.14 -21.98 -9.40
C ASN C 116 -0.62 -21.87 -7.95
N TYR C 117 -1.90 -21.55 -7.83
CA TYR C 117 -2.57 -21.41 -6.55
C TYR C 117 -2.53 -22.81 -5.93
N GLU C 118 -2.58 -23.81 -6.79
CA GLU C 118 -2.52 -25.20 -6.38
C GLU C 118 -1.13 -25.43 -5.79
N LEU C 119 -0.12 -24.91 -6.49
CA LEU C 119 1.28 -25.03 -6.09
C LEU C 119 1.54 -24.54 -4.66
N GLY C 120 0.59 -23.80 -4.10
CA GLY C 120 0.78 -23.29 -2.75
C GLY C 120 -0.36 -23.51 -1.78
N LEU C 121 -1.48 -24.01 -2.28
CA LEU C 121 -2.63 -24.24 -1.43
C LEU C 121 -2.37 -25.16 -0.24
N PRO C 122 -1.38 -26.06 -0.33
CA PRO C 122 -1.13 -26.95 0.81
C PRO C 122 -0.67 -26.19 2.07
N VAL C 123 0.16 -25.17 1.88
CA VAL C 123 0.65 -24.39 3.00
C VAL C 123 -0.46 -23.53 3.60
N ILE C 124 -1.26 -22.90 2.74
CA ILE C 124 -2.36 -22.07 3.19
C ILE C 124 -3.39 -22.95 3.88
N LYS C 125 -3.28 -24.26 3.63
CA LYS C 125 -4.17 -25.25 4.22
C LYS C 125 -3.50 -25.76 5.50
N LYS C 126 -2.18 -25.94 5.43
CA LYS C 126 -1.41 -26.40 6.57
C LYS C 126 -1.42 -25.37 7.69
N ALA C 127 -1.58 -24.10 7.33
CA ALA C 127 -1.64 -23.01 8.30
C ALA C 127 -3.10 -22.75 8.62
N GLY C 128 -3.90 -23.81 8.46
CA GLY C 128 -5.33 -23.76 8.75
C GLY C 128 -6.03 -22.42 8.67
N VAL C 129 -6.01 -21.81 7.49
CA VAL C 129 -6.66 -20.52 7.31
C VAL C 129 -7.33 -20.48 5.94
N ASP C 130 -7.23 -21.59 5.20
CA ASP C 130 -7.84 -21.70 3.88
C ASP C 130 -9.37 -21.67 3.96
N HIS C 131 -9.90 -22.02 5.13
CA HIS C 131 -11.35 -22.02 5.35
C HIS C 131 -11.99 -20.66 5.16
N LYS C 132 -11.19 -19.67 4.77
CA LYS C 132 -11.65 -18.30 4.56
C LYS C 132 -11.67 -17.92 3.07
N ILE C 133 -11.00 -18.72 2.25
CA ILE C 133 -10.95 -18.44 0.82
C ILE C 133 -12.21 -18.92 0.08
N ASP C 134 -12.46 -18.26 -1.05
CA ASP C 134 -13.59 -18.53 -1.92
C ASP C 134 -12.94 -18.43 -3.31
N PHE C 135 -11.89 -19.22 -3.50
CA PHE C 135 -11.20 -19.17 -4.78
C PHE C 135 -12.10 -19.48 -5.96
N ARG C 136 -11.77 -18.87 -7.10
CA ARG C 136 -12.50 -19.05 -8.36
C ARG C 136 -11.45 -19.01 -9.45
N GLU C 137 -11.79 -19.46 -10.64
CA GLU C 137 -10.81 -19.47 -11.73
C GLU C 137 -11.29 -18.68 -12.95
N GLY C 138 -10.36 -18.36 -13.85
CA GLY C 138 -10.72 -17.63 -15.05
C GLY C 138 -11.05 -16.15 -14.81
N PRO C 139 -10.77 -15.27 -15.79
CA PRO C 139 -11.03 -13.83 -15.69
C PRO C 139 -12.12 -13.39 -14.72
N ALA C 140 -11.82 -12.32 -13.98
CA ALA C 140 -12.73 -11.76 -13.00
C ALA C 140 -13.55 -10.64 -13.60
N LEU C 141 -13.00 -10.02 -14.65
CA LEU C 141 -13.69 -8.94 -15.34
C LEU C 141 -15.18 -9.27 -15.43
N PRO C 142 -15.52 -10.51 -15.83
CA PRO C 142 -16.92 -10.95 -15.93
C PRO C 142 -17.65 -10.93 -14.58
N VAL C 143 -17.09 -11.63 -13.61
CA VAL C 143 -17.68 -11.73 -12.27
C VAL C 143 -18.05 -10.37 -11.68
N LEU C 144 -17.18 -9.37 -11.89
CA LEU C 144 -17.41 -8.03 -11.38
C LEU C 144 -18.61 -7.36 -12.05
N ASP C 145 -18.60 -7.32 -13.39
CA ASP C 145 -19.70 -6.72 -14.13
C ASP C 145 -21.01 -7.34 -13.65
N GLU C 146 -20.96 -8.64 -13.36
CA GLU C 146 -22.11 -9.38 -12.87
C GLU C 146 -22.46 -8.93 -11.47
N MET C 147 -21.44 -8.76 -10.63
CA MET C 147 -21.62 -8.31 -9.25
C MET C 147 -22.24 -6.92 -9.20
N ILE C 148 -21.79 -6.06 -10.12
CA ILE C 148 -22.28 -4.68 -10.20
C ILE C 148 -23.77 -4.59 -10.49
N LYS C 149 -24.24 -5.37 -11.46
CA LYS C 149 -25.65 -5.34 -11.84
C LYS C 149 -26.55 -5.30 -10.61
N ASP C 150 -26.23 -6.12 -9.61
CA ASP C 150 -27.01 -6.14 -8.38
C ASP C 150 -26.68 -4.83 -7.66
N GLU C 151 -27.70 -4.08 -7.26
CA GLU C 151 -27.47 -2.81 -6.58
C GLU C 151 -27.25 -2.98 -5.08
N LYS C 152 -26.51 -4.03 -4.71
CA LYS C 152 -26.20 -4.28 -3.31
C LYS C 152 -24.76 -4.74 -3.15
N ASN C 153 -24.17 -5.29 -4.21
CA ASN C 153 -22.78 -5.70 -4.12
C ASN C 153 -21.97 -4.40 -4.10
N HIS C 154 -22.70 -3.29 -4.24
CA HIS C 154 -22.09 -1.96 -4.22
C HIS C 154 -21.57 -1.61 -2.84
N GLY C 155 -20.26 -1.40 -2.75
CA GLY C 155 -19.64 -1.04 -1.48
C GLY C 155 -19.88 -2.03 -0.38
N SER C 156 -19.39 -3.26 -0.58
CA SER C 156 -19.57 -4.31 0.41
C SER C 156 -18.23 -4.94 0.78
N TYR C 157 -17.16 -4.53 0.09
CA TYR C 157 -15.83 -5.04 0.35
C TYR C 157 -15.00 -4.01 1.12
N ASP C 158 -14.38 -4.47 2.20
CA ASP C 158 -13.58 -3.59 3.04
C ASP C 158 -12.19 -3.35 2.51
N PHE C 159 -11.74 -4.19 1.58
CA PHE C 159 -10.39 -4.09 1.02
C PHE C 159 -10.26 -4.96 -0.22
N ILE C 160 -9.49 -4.48 -1.19
CA ILE C 160 -9.30 -5.22 -2.43
C ILE C 160 -7.87 -5.03 -2.93
N PHE C 161 -7.11 -6.12 -2.97
CA PHE C 161 -5.74 -6.05 -3.44
C PHE C 161 -5.77 -6.61 -4.85
N VAL C 162 -5.14 -5.89 -5.77
CA VAL C 162 -5.11 -6.27 -7.17
C VAL C 162 -3.70 -6.49 -7.70
N ASP C 163 -3.32 -7.75 -7.88
CA ASP C 163 -1.99 -8.03 -8.43
C ASP C 163 -2.21 -8.84 -9.70
N ALA C 164 -3.19 -8.42 -10.50
CA ALA C 164 -3.53 -9.12 -11.73
C ALA C 164 -2.57 -8.85 -12.88
N ASP C 165 -3.11 -8.84 -14.09
CA ASP C 165 -2.31 -8.64 -15.29
C ASP C 165 -1.50 -7.36 -15.26
N LYS C 166 -2.14 -6.24 -15.58
CA LYS C 166 -1.48 -4.94 -15.58
C LYS C 166 -2.26 -3.98 -16.43
N ASP C 167 -2.61 -4.43 -17.63
CA ASP C 167 -3.38 -3.62 -18.56
C ASP C 167 -4.85 -3.64 -18.17
N ASN C 168 -5.19 -4.49 -17.21
CA ASN C 168 -6.57 -4.60 -16.76
C ASN C 168 -6.89 -3.81 -15.51
N TYR C 169 -5.87 -3.22 -14.90
CA TYR C 169 -6.09 -2.43 -13.69
C TYR C 169 -7.15 -1.38 -13.94
N LEU C 170 -6.85 -0.50 -14.88
CA LEU C 170 -7.74 0.59 -15.24
C LEU C 170 -9.16 0.05 -15.38
N ASN C 171 -9.27 -1.08 -16.08
CA ASN C 171 -10.56 -1.74 -16.29
C ASN C 171 -11.15 -2.23 -14.97
N TYR C 172 -10.33 -2.85 -14.13
CA TYR C 172 -10.80 -3.37 -12.84
C TYR C 172 -11.29 -2.24 -11.96
N HIS C 173 -10.49 -1.19 -11.89
CA HIS C 173 -10.80 -0.03 -11.08
C HIS C 173 -12.20 0.49 -11.34
N LYS C 174 -12.59 0.41 -12.62
CA LYS C 174 -13.90 0.88 -13.06
C LYS C 174 -15.01 0.24 -12.23
N ARG C 175 -15.00 -1.09 -12.17
CA ARG C 175 -16.01 -1.82 -11.40
C ARG C 175 -15.61 -1.85 -9.93
N LEU C 176 -14.37 -2.25 -9.66
CA LEU C 176 -13.80 -2.35 -8.31
C LEU C 176 -14.15 -1.19 -7.36
N ILE C 177 -14.16 0.03 -7.90
CA ILE C 177 -14.45 1.23 -7.12
C ILE C 177 -15.89 1.28 -6.61
N ASP C 178 -16.77 0.52 -7.25
CA ASP C 178 -18.17 0.48 -6.83
C ASP C 178 -18.37 -0.56 -5.76
N LEU C 179 -17.49 -1.57 -5.73
CA LEU C 179 -17.58 -2.65 -4.75
C LEU C 179 -17.01 -2.36 -3.35
N VAL C 180 -16.00 -1.49 -3.24
CA VAL C 180 -15.43 -1.14 -1.91
C VAL C 180 -16.28 -0.09 -1.20
N LYS C 181 -16.30 -0.13 0.13
CA LYS C 181 -17.11 0.84 0.88
C LYS C 181 -16.47 2.22 1.04
N VAL C 182 -16.68 2.82 2.21
CA VAL C 182 -16.13 4.14 2.55
C VAL C 182 -14.62 4.16 2.27
N GLY C 183 -13.80 3.84 3.29
CA GLY C 183 -12.37 3.82 3.09
C GLY C 183 -12.05 2.79 2.02
N GLY C 184 -12.62 1.61 2.20
CA GLY C 184 -12.42 0.55 1.25
C GLY C 184 -10.98 0.16 1.02
N VAL C 185 -10.24 1.04 0.34
CA VAL C 185 -8.85 0.77 0.04
C VAL C 185 -8.71 -0.30 -1.05
N ILE C 186 -8.21 0.13 -2.18
CA ILE C 186 -7.97 -0.76 -3.28
C ILE C 186 -6.47 -0.68 -3.41
N GLY C 187 -5.81 -1.83 -3.49
CA GLY C 187 -4.37 -1.83 -3.62
C GLY C 187 -3.94 -2.39 -4.94
N TYR C 188 -2.93 -1.78 -5.56
CA TYR C 188 -2.45 -2.25 -6.84
C TYR C 188 -0.95 -2.54 -6.76
N ASP C 189 -0.54 -3.79 -6.94
CA ASP C 189 0.89 -4.12 -6.88
C ASP C 189 1.64 -3.61 -8.12
N ASN C 190 2.97 -3.58 -8.02
CA ASN C 190 3.88 -3.14 -9.07
C ASN C 190 3.64 -1.76 -9.65
N THR C 191 2.84 -0.93 -8.98
CA THR C 191 2.57 0.39 -9.53
C THR C 191 3.78 1.27 -9.71
N LEU C 192 4.96 0.72 -9.49
CA LEU C 192 6.19 1.48 -9.70
C LEU C 192 7.08 0.75 -10.68
N TRP C 193 6.56 -0.38 -11.17
CA TRP C 193 7.21 -1.25 -12.16
C TRP C 193 8.75 -1.23 -12.17
N ASN C 194 9.34 -1.70 -11.08
CA ASN C 194 10.79 -1.80 -10.91
C ASN C 194 11.61 -0.59 -11.39
N GLY C 195 10.97 0.55 -11.59
CA GLY C 195 11.69 1.72 -12.06
C GLY C 195 11.16 2.16 -13.41
N SER C 196 9.92 2.64 -13.41
CA SER C 196 9.24 3.09 -14.63
C SER C 196 10.05 4.15 -15.37
N VAL C 197 9.90 5.40 -14.94
CA VAL C 197 10.60 6.52 -15.55
C VAL C 197 12.12 6.40 -15.53
N VAL C 198 12.64 5.71 -16.55
CA VAL C 198 14.07 5.51 -16.70
C VAL C 198 14.56 6.49 -17.74
N ALA C 199 15.86 6.48 -17.99
CA ALA C 199 16.46 7.35 -18.98
C ALA C 199 15.56 7.34 -20.21
N PRO C 200 15.27 8.52 -20.78
CA PRO C 200 14.41 8.63 -21.97
C PRO C 200 14.81 7.61 -23.04
N PRO C 201 14.04 7.53 -24.15
CA PRO C 201 14.32 6.60 -25.25
C PRO C 201 15.80 6.37 -25.58
N ASP C 202 16.50 5.71 -24.65
CA ASP C 202 17.91 5.39 -24.79
C ASP C 202 18.30 4.44 -23.67
N ALA C 203 17.29 3.87 -23.02
CA ALA C 203 17.50 2.94 -21.93
C ALA C 203 17.48 1.50 -22.44
N PRO C 204 18.50 0.71 -22.07
CA PRO C 204 18.63 -0.69 -22.48
C PRO C 204 17.67 -1.62 -21.72
N LEU C 205 16.38 -1.28 -21.69
CA LEU C 205 15.41 -2.10 -20.97
C LEU C 205 14.70 -3.14 -21.84
N ARG C 206 14.57 -4.36 -21.30
CA ARG C 206 13.91 -5.47 -21.98
C ARG C 206 12.54 -5.06 -22.50
N LYS C 207 12.26 -5.35 -23.76
CA LYS C 207 10.98 -4.99 -24.35
C LYS C 207 9.82 -5.42 -23.47
N TYR C 208 9.97 -6.56 -22.80
CA TYR C 208 8.92 -7.07 -21.92
C TYR C 208 8.48 -6.05 -20.87
N VAL C 209 9.43 -5.28 -20.35
CA VAL C 209 9.11 -4.29 -19.34
C VAL C 209 8.50 -3.04 -19.99
N ARG C 210 9.23 -2.44 -20.93
CA ARG C 210 8.75 -1.24 -21.61
C ARG C 210 7.30 -1.39 -22.06
N TYR C 211 6.89 -2.62 -22.38
CA TYR C 211 5.54 -2.89 -22.82
C TYR C 211 4.53 -2.64 -21.71
N TYR C 212 4.81 -3.21 -20.55
CA TYR C 212 3.92 -3.06 -19.40
C TYR C 212 4.09 -1.71 -18.71
N ARG C 213 5.28 -1.13 -18.85
CA ARG C 213 5.54 0.19 -18.25
C ARG C 213 4.43 1.13 -18.66
N ASP C 214 4.21 1.20 -19.97
CA ASP C 214 3.19 2.06 -20.56
C ASP C 214 1.85 2.00 -19.84
N PHE C 215 1.36 0.78 -19.60
CA PHE C 215 0.09 0.62 -18.92
C PHE C 215 0.16 1.19 -17.51
N VAL C 216 1.29 0.94 -16.84
CA VAL C 216 1.53 1.42 -15.49
C VAL C 216 1.56 2.95 -15.49
N LEU C 217 2.43 3.54 -16.30
CA LEU C 217 2.51 5.00 -16.37
C LEU C 217 1.13 5.61 -16.44
N GLU C 218 0.28 5.03 -17.27
CA GLU C 218 -1.08 5.52 -17.45
C GLU C 218 -2.00 5.11 -16.29
N LEU C 219 -1.73 3.97 -15.68
CA LEU C 219 -2.52 3.50 -14.55
C LEU C 219 -2.32 4.47 -13.38
N ASN C 220 -1.10 4.99 -13.31
CA ASN C 220 -0.73 5.94 -12.27
C ASN C 220 -1.37 7.30 -12.51
N LYS C 221 -1.17 7.88 -13.71
CA LYS C 221 -1.75 9.18 -14.03
C LYS C 221 -3.26 9.17 -13.82
N ALA C 222 -3.90 8.06 -14.22
CA ALA C 222 -5.34 7.93 -14.07
C ALA C 222 -5.78 7.90 -12.61
N LEU C 223 -5.15 7.03 -11.85
CA LEU C 223 -5.48 6.87 -10.44
C LEU C 223 -5.19 8.16 -9.66
N ALA C 224 -4.13 8.85 -10.06
CA ALA C 224 -3.76 10.10 -9.42
C ALA C 224 -4.84 11.16 -9.53
N VAL C 225 -5.58 11.18 -10.64
CA VAL C 225 -6.62 12.18 -10.84
C VAL C 225 -8.03 11.79 -10.41
N ASP C 226 -8.30 10.49 -10.28
CA ASP C 226 -9.63 10.06 -9.87
C ASP C 226 -10.01 10.77 -8.56
N PRO C 227 -11.07 11.57 -8.58
CA PRO C 227 -11.58 12.34 -7.44
C PRO C 227 -12.40 11.55 -6.43
N ARG C 228 -12.43 10.22 -6.57
CA ARG C 228 -13.20 9.38 -5.63
C ARG C 228 -12.24 8.59 -4.74
N ILE C 229 -10.95 8.80 -4.95
CA ILE C 229 -9.92 8.11 -4.18
C ILE C 229 -8.83 9.10 -3.78
N GLU C 230 -8.08 8.76 -2.72
CA GLU C 230 -6.99 9.62 -2.23
C GLU C 230 -5.61 9.10 -2.64
N ILE C 231 -5.42 7.79 -2.62
CA ILE C 231 -4.15 7.17 -3.02
C ILE C 231 -2.88 7.65 -2.34
N CYS C 232 -1.90 6.75 -2.31
CA CYS C 232 -0.63 6.97 -1.67
C CYS C 232 0.31 5.89 -2.26
N MET C 233 1.38 6.30 -2.94
CA MET C 233 2.34 5.36 -3.57
C MET C 233 3.52 4.93 -2.72
N LEU C 234 3.42 3.77 -2.09
CA LEU C 234 4.49 3.29 -1.23
C LEU C 234 5.52 2.44 -1.94
N PRO C 235 6.80 2.63 -1.60
CA PRO C 235 7.88 1.84 -2.21
C PRO C 235 8.07 0.54 -1.46
N VAL C 236 7.01 -0.24 -1.37
CA VAL C 236 7.06 -1.53 -0.69
C VAL C 236 7.27 -2.57 -1.79
N GLY C 237 8.39 -3.27 -1.74
CA GLY C 237 8.68 -4.27 -2.76
C GLY C 237 8.82 -3.64 -4.13
N ASP C 238 7.82 -3.82 -4.98
CA ASP C 238 7.85 -3.25 -6.33
C ASP C 238 6.87 -2.07 -6.46
N GLY C 239 6.51 -1.49 -5.31
CA GLY C 239 5.60 -0.37 -5.32
C GLY C 239 4.17 -0.83 -5.22
N ILE C 240 3.41 -0.24 -4.30
CA ILE C 240 2.01 -0.59 -4.12
C ILE C 240 1.24 0.69 -3.92
N THR C 241 0.24 0.93 -4.77
CA THR C 241 -0.55 2.13 -4.63
C THR C 241 -1.80 1.80 -3.82
N ILE C 242 -1.90 2.41 -2.63
CA ILE C 242 -3.06 2.20 -1.78
C ILE C 242 -4.05 3.28 -2.20
N CYS C 243 -5.30 2.89 -2.38
CA CYS C 243 -6.32 3.85 -2.78
C CYS C 243 -7.40 3.86 -1.71
N ARG C 244 -7.87 5.04 -1.37
CA ARG C 244 -8.91 5.14 -0.38
C ARG C 244 -10.10 5.82 -1.04
N ARG C 245 -11.23 5.11 -1.11
CA ARG C 245 -12.40 5.70 -1.73
C ARG C 245 -12.97 6.79 -0.85
N ILE C 246 -13.16 7.98 -1.42
CA ILE C 246 -13.70 9.10 -0.66
C ILE C 246 -15.11 9.45 -1.10
N LYS C 247 -15.40 9.24 -2.39
CA LYS C 247 -16.73 9.54 -2.92
C LYS C 247 -17.44 8.25 -3.31
N LYS D 21 8.02 -22.78 -50.74
CA LYS D 21 7.75 -22.31 -49.35
C LYS D 21 8.46 -23.20 -48.33
N SER D 22 7.96 -23.18 -47.09
CA SER D 22 8.53 -23.98 -46.01
C SER D 22 7.51 -24.96 -45.44
N LEU D 23 7.92 -25.72 -44.43
CA LEU D 23 7.07 -26.70 -43.76
C LEU D 23 6.71 -26.25 -42.34
N LEU D 24 7.02 -24.99 -42.02
CA LEU D 24 6.74 -24.43 -40.70
C LEU D 24 5.40 -23.70 -40.59
N GLN D 25 5.33 -22.71 -39.71
CA GLN D 25 4.08 -21.96 -39.49
C GLN D 25 3.99 -20.69 -40.31
N SER D 26 5.14 -20.08 -40.60
CA SER D 26 5.14 -18.85 -41.36
C SER D 26 6.43 -18.68 -42.14
N ASP D 27 6.34 -18.02 -43.29
CA ASP D 27 7.52 -17.77 -44.10
C ASP D 27 8.52 -17.08 -43.18
N ALA D 28 7.98 -16.46 -42.13
CA ALA D 28 8.75 -15.71 -41.14
C ALA D 28 9.48 -16.49 -40.03
N LEU D 29 8.87 -17.56 -39.53
CA LEU D 29 9.53 -18.34 -38.48
C LEU D 29 10.78 -18.89 -39.13
N TYR D 30 10.59 -19.43 -40.33
CA TYR D 30 11.68 -20.00 -41.12
C TYR D 30 12.62 -18.84 -41.48
N GLN D 31 12.01 -17.72 -41.84
CA GLN D 31 12.75 -16.53 -42.21
C GLN D 31 13.71 -16.08 -41.11
N TYR D 32 13.32 -16.32 -39.86
CA TYR D 32 14.15 -15.95 -38.72
C TYR D 32 15.34 -16.89 -38.66
N ILE D 33 15.05 -18.19 -38.68
CA ILE D 33 16.09 -19.21 -38.63
C ILE D 33 17.16 -18.98 -39.68
N LEU D 34 16.77 -18.35 -40.79
CA LEU D 34 17.73 -18.07 -41.86
C LEU D 34 18.60 -16.88 -41.51
N GLU D 35 17.96 -15.79 -41.09
CA GLU D 35 18.64 -14.54 -40.74
C GLU D 35 19.64 -14.68 -39.59
N THR D 36 19.13 -15.04 -38.41
CA THR D 36 19.97 -15.17 -37.23
C THR D 36 20.48 -16.59 -36.97
N SER D 37 21.12 -17.19 -37.97
CA SER D 37 21.66 -18.54 -37.81
C SER D 37 22.48 -19.02 -38.99
N VAL D 38 21.82 -19.64 -39.97
CA VAL D 38 22.51 -20.16 -41.13
C VAL D 38 23.27 -19.13 -41.94
N PHE D 39 22.55 -18.25 -42.63
CA PHE D 39 23.17 -17.21 -43.45
C PHE D 39 24.47 -16.64 -42.87
N PRO D 40 24.50 -16.36 -41.56
CA PRO D 40 25.71 -15.81 -40.95
C PRO D 40 26.84 -16.83 -40.83
N ARG D 41 27.82 -16.69 -41.72
CA ARG D 41 29.00 -17.57 -41.75
C ARG D 41 28.71 -19.04 -42.08
N GLU D 42 29.15 -19.48 -43.25
CA GLU D 42 28.97 -20.85 -43.72
C GLU D 42 29.74 -21.21 -44.99
N HIS D 43 31.06 -21.00 -44.96
CA HIS D 43 31.96 -21.32 -46.07
C HIS D 43 31.89 -20.44 -47.32
N GLU D 44 30.84 -19.63 -47.45
CA GLU D 44 30.66 -18.74 -48.60
C GLU D 44 30.39 -19.45 -49.91
N ALA D 45 31.13 -20.53 -50.17
CA ALA D 45 30.96 -21.29 -51.40
C ALA D 45 29.48 -21.57 -51.65
N MET D 46 28.77 -21.87 -50.57
CA MET D 46 27.33 -22.16 -50.63
C MET D 46 26.62 -20.94 -51.19
N LYS D 47 27.06 -19.77 -50.74
CA LYS D 47 26.48 -18.50 -51.19
C LYS D 47 26.79 -18.27 -52.66
N GLU D 48 28.06 -18.38 -53.01
CA GLU D 48 28.50 -18.19 -54.39
C GLU D 48 27.70 -19.11 -55.32
N LEU D 49 27.68 -20.39 -54.99
CA LEU D 49 26.96 -21.38 -55.79
C LEU D 49 25.52 -20.95 -56.06
N ARG D 50 24.81 -20.55 -55.01
CA ARG D 50 23.42 -20.13 -55.12
C ARG D 50 23.20 -18.90 -55.97
N GLU D 51 24.21 -18.04 -56.09
CA GLU D 51 24.07 -16.84 -56.90
C GLU D 51 23.68 -17.29 -58.31
N VAL D 52 24.32 -18.37 -58.76
CA VAL D 52 24.08 -18.92 -60.08
C VAL D 52 23.00 -20.00 -60.08
N THR D 53 22.95 -20.81 -59.02
CA THR D 53 21.96 -21.89 -58.91
C THR D 53 20.53 -21.37 -58.97
N ALA D 54 20.38 -20.06 -59.12
CA ALA D 54 19.09 -19.42 -59.20
C ALA D 54 18.74 -19.21 -60.67
N LYS D 55 19.68 -19.55 -61.55
CA LYS D 55 19.50 -19.42 -62.99
C LYS D 55 18.96 -20.72 -63.60
N HIS D 56 19.62 -21.84 -63.32
CA HIS D 56 19.18 -23.11 -63.85
C HIS D 56 17.69 -23.26 -63.54
N PRO D 57 16.84 -23.28 -64.59
CA PRO D 57 15.39 -23.40 -64.51
C PRO D 57 14.81 -24.23 -63.34
N TRP D 58 15.44 -25.34 -63.02
CA TRP D 58 14.95 -26.19 -61.93
C TRP D 58 15.66 -25.91 -60.61
N ASN D 59 15.66 -24.65 -60.21
CA ASN D 59 16.28 -24.24 -58.95
C ASN D 59 15.38 -24.64 -57.79
N ILE D 60 14.12 -24.94 -58.10
CA ILE D 60 13.14 -25.33 -57.10
C ILE D 60 13.49 -26.67 -56.44
N MET D 61 14.68 -27.20 -56.75
CA MET D 61 15.12 -28.46 -56.19
C MET D 61 16.32 -28.26 -55.30
N THR D 62 17.12 -27.25 -55.62
CA THR D 62 18.33 -26.95 -54.85
C THR D 62 18.00 -27.08 -53.38
N THR D 63 18.88 -27.75 -52.63
CA THR D 63 18.66 -27.90 -51.20
C THR D 63 18.84 -26.54 -50.52
N SER D 64 17.98 -26.25 -49.55
CA SER D 64 18.02 -24.98 -48.82
C SER D 64 19.20 -24.91 -47.85
N ALA D 65 19.82 -23.72 -47.74
CA ALA D 65 20.96 -23.53 -46.83
C ALA D 65 20.53 -24.07 -45.48
N ASP D 66 19.24 -23.91 -45.19
CA ASP D 66 18.62 -24.39 -43.97
C ASP D 66 19.08 -25.83 -43.75
N GLU D 67 18.86 -26.66 -44.77
CA GLU D 67 19.22 -28.07 -44.71
C GLU D 67 20.73 -28.27 -44.85
N GLY D 68 21.35 -27.43 -45.67
CA GLY D 68 22.78 -27.53 -45.89
C GLY D 68 23.55 -27.51 -44.58
N GLN D 69 23.10 -26.67 -43.65
CA GLN D 69 23.74 -26.56 -42.36
C GLN D 69 23.62 -27.86 -41.57
N PHE D 70 22.40 -28.39 -41.46
CA PHE D 70 22.19 -29.62 -40.71
C PHE D 70 23.14 -30.74 -41.11
N LEU D 71 23.37 -30.87 -42.42
CA LEU D 71 24.27 -31.91 -42.90
C LEU D 71 25.70 -31.66 -42.43
N SER D 72 26.23 -30.47 -42.75
CA SER D 72 27.59 -30.11 -42.36
C SER D 72 27.85 -30.46 -40.90
N MET D 73 26.88 -30.15 -40.06
CA MET D 73 26.97 -30.42 -38.63
C MET D 73 27.06 -31.91 -38.34
N LEU D 74 26.19 -32.69 -38.99
CA LEU D 74 26.12 -34.13 -38.81
C LEU D 74 27.36 -34.92 -39.26
N LEU D 75 28.02 -34.44 -40.31
CA LEU D 75 29.23 -35.08 -40.83
C LEU D 75 30.42 -34.88 -39.90
N LYS D 76 30.39 -33.78 -39.15
CA LYS D 76 31.46 -33.42 -38.22
C LYS D 76 31.19 -34.11 -36.87
N LEU D 77 29.92 -34.28 -36.54
CA LEU D 77 29.50 -34.92 -35.30
C LEU D 77 29.68 -36.43 -35.36
N ILE D 78 30.13 -36.94 -36.50
CA ILE D 78 30.33 -38.39 -36.65
C ILE D 78 31.66 -38.72 -37.35
N ASN D 79 32.28 -37.71 -37.94
CA ASN D 79 33.54 -37.88 -38.68
C ASN D 79 33.35 -38.85 -39.84
N ALA D 80 33.13 -38.29 -41.03
CA ALA D 80 32.90 -39.10 -42.22
C ALA D 80 34.11 -39.18 -43.16
N LYS D 81 34.85 -40.28 -43.06
CA LYS D 81 36.01 -40.51 -43.91
C LYS D 81 35.56 -40.64 -45.36
N ASN D 82 34.90 -41.74 -45.66
CA ASN D 82 34.41 -42.02 -47.00
C ASN D 82 32.89 -41.88 -47.03
N THR D 83 32.39 -41.14 -48.01
CA THR D 83 30.95 -40.92 -48.15
C THR D 83 30.44 -41.15 -49.57
N MET D 84 29.25 -40.64 -49.84
CA MET D 84 28.62 -40.77 -51.16
C MET D 84 27.28 -40.04 -51.20
N GLU D 85 26.85 -39.64 -52.39
CA GLU D 85 25.57 -38.94 -52.54
C GLU D 85 24.87 -39.27 -53.86
N ILE D 86 23.68 -39.86 -53.75
CA ILE D 86 22.88 -40.23 -54.91
C ILE D 86 22.02 -39.03 -55.30
N GLY D 87 22.35 -38.42 -56.43
CA GLY D 87 21.62 -37.26 -56.88
C GLY D 87 22.36 -36.00 -56.46
N VAL D 88 22.76 -35.18 -57.43
CA VAL D 88 23.50 -33.96 -57.11
C VAL D 88 22.82 -32.68 -57.60
N TYR D 89 22.99 -32.37 -58.88
CA TYR D 89 22.41 -31.15 -59.44
C TYR D 89 23.07 -29.93 -58.81
N THR D 90 23.82 -29.18 -59.59
CA THR D 90 24.49 -27.99 -59.08
C THR D 90 25.58 -28.38 -58.08
N GLY D 91 25.20 -29.15 -57.07
CA GLY D 91 26.17 -29.57 -56.07
C GLY D 91 26.09 -28.90 -54.72
N TYR D 92 25.03 -28.14 -54.47
CA TYR D 92 24.89 -27.46 -53.18
C TYR D 92 24.89 -28.48 -52.04
N SER D 93 23.95 -29.42 -52.07
CA SER D 93 23.85 -30.45 -51.04
C SER D 93 25.13 -31.27 -50.95
N LEU D 94 25.96 -31.18 -51.98
CA LEU D 94 27.21 -31.92 -52.04
C LEU D 94 28.38 -31.07 -51.56
N LEU D 95 28.41 -29.80 -51.98
CA LEU D 95 29.47 -28.87 -51.61
C LEU D 95 29.66 -28.90 -50.09
N ALA D 96 28.55 -29.07 -49.38
CA ALA D 96 28.57 -29.14 -47.92
C ALA D 96 29.30 -30.40 -47.50
N THR D 97 28.84 -31.54 -47.99
CA THR D 97 29.46 -32.81 -47.65
C THR D 97 30.96 -32.71 -47.90
N ALA D 98 31.33 -31.93 -48.92
CA ALA D 98 32.73 -31.73 -49.30
C ALA D 98 33.53 -30.84 -48.36
N LEU D 99 33.05 -29.61 -48.14
CA LEU D 99 33.73 -28.68 -47.26
C LEU D 99 33.78 -29.12 -45.80
N ALA D 100 32.82 -29.95 -45.39
CA ALA D 100 32.78 -30.43 -44.02
C ALA D 100 33.80 -31.54 -43.77
N ILE D 101 33.75 -32.59 -44.57
CA ILE D 101 34.67 -33.72 -44.42
C ILE D 101 36.11 -33.21 -44.41
N PRO D 102 37.05 -33.98 -43.82
CA PRO D 102 38.46 -33.59 -43.75
C PRO D 102 39.13 -33.42 -45.12
N GLU D 103 40.38 -33.88 -45.22
CA GLU D 103 41.14 -33.77 -46.47
C GLU D 103 41.39 -35.15 -47.09
N ASP D 104 41.16 -36.21 -46.31
CA ASP D 104 41.37 -37.57 -46.79
C ASP D 104 40.08 -38.20 -47.31
N GLY D 105 38.95 -37.55 -47.03
CA GLY D 105 37.68 -38.07 -47.46
C GLY D 105 37.43 -37.95 -48.95
N LYS D 106 36.57 -38.82 -49.48
CA LYS D 106 36.22 -38.83 -50.89
C LYS D 106 34.74 -39.16 -51.05
N ILE D 107 34.06 -38.39 -51.89
CA ILE D 107 32.63 -38.61 -52.15
C ILE D 107 32.47 -39.34 -53.48
N LEU D 108 31.34 -40.02 -53.65
CA LEU D 108 31.05 -40.74 -54.88
C LEU D 108 29.69 -40.27 -55.40
N ALA D 109 29.66 -39.05 -55.91
CA ALA D 109 28.44 -38.44 -56.42
C ALA D 109 27.90 -39.12 -57.67
N MET D 110 26.58 -39.07 -57.85
CA MET D 110 25.91 -39.67 -59.00
C MET D 110 24.68 -38.85 -59.36
N ASP D 111 24.49 -38.59 -60.64
CA ASP D 111 23.35 -37.80 -61.10
C ASP D 111 23.16 -37.93 -62.60
N ILE D 112 21.91 -38.16 -63.02
CA ILE D 112 21.59 -38.29 -64.44
C ILE D 112 22.22 -37.16 -65.25
N ASN D 113 21.76 -35.93 -65.00
CA ASN D 113 22.25 -34.76 -65.70
C ASN D 113 23.64 -34.35 -65.20
N LYS D 114 24.68 -34.77 -65.95
CA LYS D 114 26.06 -34.46 -65.60
C LYS D 114 26.39 -32.99 -65.80
N GLU D 115 25.85 -32.42 -66.86
CA GLU D 115 26.09 -31.03 -67.19
C GLU D 115 25.76 -30.08 -66.04
N ASN D 116 24.66 -30.35 -65.33
CA ASN D 116 24.27 -29.51 -64.20
C ASN D 116 25.31 -29.54 -63.09
N TYR D 117 25.62 -30.73 -62.59
CA TYR D 117 26.62 -30.87 -61.54
C TYR D 117 27.83 -29.99 -61.87
N GLU D 118 28.34 -30.15 -63.07
CA GLU D 118 29.51 -29.39 -63.51
C GLU D 118 29.18 -27.91 -63.68
N LEU D 119 27.90 -27.57 -63.67
CA LEU D 119 27.48 -26.18 -63.83
C LEU D 119 27.93 -25.39 -62.60
N GLY D 120 27.99 -26.08 -61.47
CA GLY D 120 28.40 -25.43 -60.24
C GLY D 120 29.79 -25.89 -59.80
N LEU D 121 30.49 -26.57 -60.70
CA LEU D 121 31.84 -27.07 -60.41
C LEU D 121 32.84 -25.92 -60.26
N PRO D 122 32.71 -24.86 -61.08
CA PRO D 122 33.65 -23.74 -60.96
C PRO D 122 33.64 -23.18 -59.53
N VAL D 123 32.57 -23.51 -58.81
CA VAL D 123 32.41 -23.07 -57.43
C VAL D 123 32.61 -24.26 -56.51
N ILE D 124 33.61 -25.07 -56.85
CA ILE D 124 33.99 -26.25 -56.08
C ILE D 124 35.45 -26.51 -56.45
N LYS D 125 35.83 -26.00 -57.62
CA LYS D 125 37.18 -26.10 -58.13
C LYS D 125 37.91 -24.94 -57.46
N LYS D 126 37.17 -23.85 -57.31
CA LYS D 126 37.66 -22.64 -56.68
C LYS D 126 37.88 -22.86 -55.19
N ALA D 127 36.86 -23.39 -54.52
CA ALA D 127 36.93 -23.66 -53.09
C ALA D 127 37.69 -24.94 -52.77
N GLY D 128 38.27 -25.56 -53.79
CA GLY D 128 39.01 -26.78 -53.58
C GLY D 128 38.13 -27.95 -53.18
N VAL D 129 38.66 -28.83 -52.33
CA VAL D 129 37.96 -30.02 -51.83
C VAL D 129 37.30 -30.79 -52.99
N ASP D 130 37.71 -30.47 -54.21
CA ASP D 130 37.17 -31.09 -55.40
C ASP D 130 37.90 -32.37 -55.77
N HIS D 131 38.85 -32.79 -54.95
CA HIS D 131 39.58 -34.02 -55.23
C HIS D 131 38.93 -35.18 -54.48
N LYS D 132 37.76 -34.90 -53.93
CA LYS D 132 37.00 -35.89 -53.18
C LYS D 132 35.74 -36.31 -53.94
N ILE D 133 35.20 -35.37 -54.71
CA ILE D 133 33.98 -35.63 -55.49
C ILE D 133 34.20 -36.54 -56.69
N ASP D 134 34.01 -37.84 -56.50
CA ASP D 134 34.16 -38.79 -57.60
C ASP D 134 32.80 -38.93 -58.26
N PHE D 135 32.56 -38.10 -59.27
CA PHE D 135 31.30 -38.09 -59.99
C PHE D 135 31.20 -39.28 -60.94
N ARG D 136 29.98 -39.60 -61.35
CA ARG D 136 29.73 -40.69 -62.30
C ARG D 136 28.70 -40.25 -63.32
N GLU D 137 27.79 -41.15 -63.72
CA GLU D 137 26.77 -40.79 -64.72
C GLU D 137 25.45 -41.55 -64.70
N GLY D 138 24.45 -40.95 -65.35
CA GLY D 138 23.12 -41.51 -65.47
C GLY D 138 22.59 -42.36 -64.33
N PRO D 139 21.90 -43.46 -64.66
CA PRO D 139 21.32 -44.37 -63.67
C PRO D 139 22.25 -44.56 -62.47
N ALA D 140 21.65 -44.59 -61.28
CA ALA D 140 22.40 -44.75 -60.04
C ALA D 140 22.23 -46.13 -59.46
N LEU D 141 21.04 -46.72 -59.61
CA LEU D 141 20.79 -48.03 -59.07
C LEU D 141 21.79 -49.05 -59.62
N PRO D 142 21.99 -49.08 -60.96
CA PRO D 142 22.94 -50.01 -61.56
C PRO D 142 24.38 -49.76 -61.11
N VAL D 143 24.80 -48.50 -61.09
CA VAL D 143 26.14 -48.14 -60.68
C VAL D 143 26.35 -48.50 -59.22
N LEU D 144 25.25 -48.82 -58.54
CA LEU D 144 25.29 -49.18 -57.13
C LEU D 144 25.43 -50.69 -56.98
N ASP D 145 25.20 -51.42 -58.06
CA ASP D 145 25.30 -52.88 -58.04
C ASP D 145 26.73 -53.35 -58.26
N GLU D 146 27.64 -52.41 -58.49
CA GLU D 146 29.03 -52.72 -58.70
C GLU D 146 29.60 -53.21 -57.38
N MET D 147 29.36 -52.42 -56.35
CA MET D 147 29.82 -52.70 -54.99
C MET D 147 29.08 -53.89 -54.38
N ILE D 148 27.80 -54.03 -54.70
CA ILE D 148 27.00 -55.13 -54.17
C ILE D 148 27.68 -56.47 -54.44
N LYS D 149 28.55 -56.47 -55.43
CA LYS D 149 29.27 -57.69 -55.82
C LYS D 149 30.43 -58.01 -54.88
N ASP D 150 31.48 -57.19 -54.90
CA ASP D 150 32.64 -57.41 -54.03
C ASP D 150 32.22 -57.72 -52.59
N GLU D 151 32.39 -58.98 -52.19
CA GLU D 151 32.03 -59.39 -50.83
C GLU D 151 32.67 -58.42 -49.83
N LYS D 152 33.77 -57.79 -50.25
CA LYS D 152 34.47 -56.83 -49.42
C LYS D 152 34.41 -55.46 -50.10
N ASN D 153 33.40 -54.70 -49.73
CA ASN D 153 33.13 -53.37 -50.25
C ASN D 153 31.80 -53.02 -49.60
N HIS D 154 31.30 -53.98 -48.83
CA HIS D 154 30.04 -53.84 -48.11
C HIS D 154 30.17 -53.01 -46.85
N GLY D 155 30.15 -51.68 -47.00
CA GLY D 155 30.25 -50.82 -45.83
C GLY D 155 31.34 -49.77 -45.87
N SER D 156 32.07 -49.68 -46.98
CA SER D 156 33.13 -48.71 -47.11
C SER D 156 32.60 -47.27 -47.03
N TYR D 157 31.34 -47.15 -46.63
CA TYR D 157 30.71 -45.83 -46.53
C TYR D 157 30.20 -45.53 -45.13
N ASP D 158 30.45 -44.30 -44.67
CA ASP D 158 30.02 -43.86 -43.35
C ASP D 158 28.78 -42.98 -43.47
N PHE D 159 28.74 -42.16 -44.53
CA PHE D 159 27.64 -41.24 -44.77
C PHE D 159 27.15 -41.32 -46.22
N ILE D 160 25.87 -41.65 -46.40
CA ILE D 160 25.27 -41.74 -47.74
C ILE D 160 23.97 -40.93 -47.77
N PHE D 161 23.89 -39.99 -48.69
CA PHE D 161 22.74 -39.11 -48.84
C PHE D 161 21.90 -39.45 -50.08
N VAL D 162 20.76 -40.09 -49.85
CA VAL D 162 19.86 -40.47 -50.94
C VAL D 162 18.95 -39.28 -51.24
N ASP D 163 19.22 -38.58 -52.34
CA ASP D 163 18.40 -37.44 -52.71
C ASP D 163 18.39 -37.23 -54.21
N ALA D 164 17.42 -37.85 -54.88
CA ALA D 164 17.28 -37.76 -56.32
C ALA D 164 15.83 -38.04 -56.69
N ASP D 165 15.55 -39.24 -57.20
CA ASP D 165 14.19 -39.61 -57.56
C ASP D 165 13.48 -39.85 -56.23
N LYS D 166 12.45 -40.70 -56.22
CA LYS D 166 11.76 -40.97 -54.97
C LYS D 166 11.23 -42.41 -54.90
N ASP D 167 10.81 -42.95 -56.03
CA ASP D 167 10.28 -44.31 -56.07
C ASP D 167 11.34 -45.38 -55.83
N ASN D 168 12.57 -45.16 -56.32
CA ASN D 168 13.63 -46.14 -56.11
C ASN D 168 14.21 -46.08 -54.71
N TYR D 169 13.67 -45.20 -53.87
CA TYR D 169 14.14 -45.05 -52.48
C TYR D 169 14.00 -46.35 -51.72
N LEU D 170 12.80 -46.92 -51.74
CA LEU D 170 12.56 -48.16 -51.05
C LEU D 170 13.48 -49.23 -51.64
N ASN D 171 13.91 -49.01 -52.89
CA ASN D 171 14.81 -49.93 -53.58
C ASN D 171 16.26 -49.68 -53.17
N TYR D 172 16.78 -48.51 -53.51
CA TYR D 172 18.15 -48.15 -53.15
C TYR D 172 18.44 -48.70 -51.77
N HIS D 173 17.49 -48.46 -50.87
CA HIS D 173 17.60 -48.90 -49.47
C HIS D 173 18.19 -50.29 -49.30
N LYS D 174 17.53 -51.30 -49.87
CA LYS D 174 18.00 -52.67 -49.75
C LYS D 174 19.41 -52.88 -50.29
N ARG D 175 19.73 -52.24 -51.40
CA ARG D 175 21.05 -52.38 -51.98
C ARG D 175 21.98 -51.25 -51.53
N LEU D 176 21.60 -50.57 -50.46
CA LEU D 176 22.40 -49.47 -49.93
C LEU D 176 22.53 -49.56 -48.41
N ILE D 177 21.75 -50.45 -47.81
CA ILE D 177 21.78 -50.65 -46.37
C ILE D 177 23.08 -51.38 -46.04
N ASP D 178 23.59 -52.10 -47.03
CA ASP D 178 24.83 -52.89 -46.88
C ASP D 178 26.09 -52.22 -47.42
N LEU D 179 26.05 -50.90 -47.64
CA LEU D 179 27.21 -50.17 -48.14
C LEU D 179 27.74 -49.20 -47.07
N VAL D 180 26.89 -48.90 -46.10
CA VAL D 180 27.24 -48.01 -44.98
C VAL D 180 27.73 -48.88 -43.85
N LYS D 181 26.97 -49.94 -43.58
CA LYS D 181 27.27 -50.92 -42.55
C LYS D 181 27.66 -50.40 -41.17
N VAL D 182 27.30 -51.19 -40.16
CA VAL D 182 27.61 -50.89 -38.77
C VAL D 182 27.35 -49.43 -38.38
N GLY D 183 28.33 -48.57 -38.60
CA GLY D 183 28.21 -47.16 -38.25
C GLY D 183 26.82 -46.57 -38.46
N GLY D 184 26.31 -46.66 -39.68
CA GLY D 184 24.99 -46.13 -39.99
C GLY D 184 25.02 -44.76 -40.64
N VAL D 185 23.84 -44.26 -40.99
CA VAL D 185 23.65 -42.95 -41.62
C VAL D 185 22.49 -42.98 -42.64
N ILE D 186 22.81 -42.98 -43.93
CA ILE D 186 21.82 -43.01 -45.01
C ILE D 186 20.64 -42.07 -44.71
N GLY D 187 20.66 -40.90 -45.32
CA GLY D 187 19.58 -39.96 -45.11
C GLY D 187 18.77 -39.74 -46.37
N TYR D 188 17.54 -40.24 -46.40
CA TYR D 188 16.68 -40.06 -47.56
C TYR D 188 15.99 -38.70 -47.46
N ASP D 189 16.41 -37.78 -48.32
CA ASP D 189 15.88 -36.43 -48.32
C ASP D 189 14.47 -36.28 -48.87
N ASN D 190 13.78 -35.25 -48.41
CA ASN D 190 12.42 -34.94 -48.84
C ASN D 190 11.33 -35.91 -48.40
N THR D 191 11.59 -36.74 -47.38
CA THR D 191 10.58 -37.70 -46.95
C THR D 191 9.33 -37.06 -46.37
N LEU D 192 9.20 -35.76 -46.58
CA LEU D 192 8.03 -35.01 -46.13
C LEU D 192 7.36 -34.42 -47.35
N TRP D 193 8.03 -34.59 -48.49
CA TRP D 193 7.57 -34.14 -49.79
C TRP D 193 6.40 -33.15 -49.65
N ASN D 194 6.73 -31.93 -49.22
CA ASN D 194 5.74 -30.89 -49.06
C ASN D 194 4.53 -31.38 -48.26
N GLY D 195 3.34 -31.23 -48.82
CA GLY D 195 2.13 -31.68 -48.15
C GLY D 195 1.88 -33.17 -48.34
N SER D 196 2.50 -33.98 -47.49
CA SER D 196 2.33 -35.43 -47.56
C SER D 196 0.89 -35.80 -47.25
N VAL D 197 0.49 -35.58 -46.02
CA VAL D 197 -0.87 -35.90 -45.58
C VAL D 197 -1.84 -34.72 -45.78
N VAL D 198 -1.97 -34.27 -47.02
CA VAL D 198 -2.87 -33.16 -47.34
C VAL D 198 -4.31 -33.66 -47.54
N ALA D 199 -5.26 -32.72 -47.62
CA ALA D 199 -6.68 -33.03 -47.78
C ALA D 199 -6.95 -34.12 -48.82
N PRO D 200 -8.20 -34.62 -48.89
CA PRO D 200 -8.56 -35.67 -49.86
C PRO D 200 -8.27 -35.20 -51.28
N PRO D 201 -8.63 -36.02 -52.30
CA PRO D 201 -8.38 -35.61 -53.68
C PRO D 201 -8.90 -34.18 -53.89
N ASP D 202 -9.59 -33.69 -52.86
CA ASP D 202 -10.16 -32.35 -52.82
C ASP D 202 -9.05 -31.35 -52.55
N ALA D 203 -7.83 -31.86 -52.49
CA ALA D 203 -6.66 -31.02 -52.25
C ALA D 203 -5.90 -30.94 -53.56
N PRO D 204 -6.22 -29.95 -54.40
CA PRO D 204 -5.58 -29.73 -55.70
C PRO D 204 -4.07 -29.64 -55.70
N LEU D 205 -3.38 -30.78 -55.70
CA LEU D 205 -1.93 -30.78 -55.73
C LEU D 205 -1.37 -31.01 -57.13
N ARG D 206 -0.13 -30.59 -57.35
CA ARG D 206 0.51 -30.71 -58.66
C ARG D 206 0.72 -32.12 -59.21
N LYS D 207 1.23 -32.18 -60.43
CA LYS D 207 1.49 -33.43 -61.14
C LYS D 207 2.45 -34.34 -60.37
N TYR D 208 3.75 -34.18 -60.66
CA TYR D 208 4.80 -34.97 -60.04
C TYR D 208 4.57 -35.21 -58.55
N VAL D 209 4.09 -34.17 -57.85
CA VAL D 209 3.85 -34.28 -56.42
C VAL D 209 2.76 -35.30 -56.10
N ARG D 210 1.66 -35.25 -56.84
CA ARG D 210 0.57 -36.19 -56.62
C ARG D 210 1.09 -37.58 -56.93
N TYR D 211 2.06 -37.63 -57.84
CA TYR D 211 2.66 -38.88 -58.26
C TYR D 211 3.55 -39.43 -57.16
N TYR D 212 4.67 -38.77 -56.92
CA TYR D 212 5.63 -39.21 -55.91
C TYR D 212 5.07 -39.46 -54.52
N ARG D 213 4.04 -38.71 -54.14
CA ARG D 213 3.41 -38.86 -52.82
C ARG D 213 3.28 -40.33 -52.42
N ASP D 214 2.62 -41.09 -53.27
CA ASP D 214 2.36 -42.52 -53.05
C ASP D 214 3.55 -43.34 -52.63
N PHE D 215 4.71 -43.04 -53.20
CA PHE D 215 5.92 -43.76 -52.86
C PHE D 215 6.51 -43.25 -51.55
N VAL D 216 6.54 -41.94 -51.38
CA VAL D 216 7.06 -41.38 -50.14
C VAL D 216 6.31 -42.05 -49.01
N LEU D 217 4.99 -41.95 -49.04
CA LEU D 217 4.14 -42.56 -48.02
C LEU D 217 4.54 -44.02 -47.82
N GLU D 218 4.94 -44.66 -48.90
CA GLU D 218 5.36 -46.06 -48.87
C GLU D 218 6.78 -46.16 -48.30
N LEU D 219 7.66 -45.27 -48.77
CA LEU D 219 9.03 -45.22 -48.31
C LEU D 219 9.05 -45.11 -46.79
N ASN D 220 8.36 -44.09 -46.29
CA ASN D 220 8.28 -43.83 -44.85
C ASN D 220 7.61 -44.98 -44.10
N LYS D 221 6.43 -45.39 -44.55
CA LYS D 221 5.67 -46.48 -43.93
C LYS D 221 6.48 -47.74 -43.70
N ALA D 222 7.51 -47.94 -44.53
CA ALA D 222 8.36 -49.12 -44.44
C ALA D 222 9.75 -48.81 -43.93
N LEU D 223 10.29 -47.66 -44.34
CA LEU D 223 11.62 -47.25 -43.90
C LEU D 223 11.65 -47.11 -42.38
N ALA D 224 10.46 -47.08 -41.79
CA ALA D 224 10.31 -46.95 -40.34
C ALA D 224 9.85 -48.26 -39.72
N VAL D 225 10.11 -49.37 -40.40
CA VAL D 225 9.70 -50.68 -39.90
C VAL D 225 10.87 -51.65 -40.00
N ASP D 226 11.92 -51.22 -40.69
CA ASP D 226 13.11 -52.03 -40.88
C ASP D 226 13.94 -52.15 -39.60
N PRO D 227 13.96 -53.35 -38.99
CA PRO D 227 14.71 -53.59 -37.76
C PRO D 227 16.20 -53.38 -37.90
N ARG D 228 16.62 -52.85 -39.04
CA ARG D 228 18.05 -52.61 -39.27
C ARG D 228 18.41 -51.13 -39.13
N ILE D 229 17.45 -50.31 -38.71
CA ILE D 229 17.69 -48.88 -38.53
C ILE D 229 16.85 -48.25 -37.42
N GLU D 230 17.30 -47.10 -36.93
CA GLU D 230 16.61 -46.38 -35.86
C GLU D 230 15.78 -45.20 -36.40
N ILE D 231 16.21 -44.65 -37.54
CA ILE D 231 15.55 -43.53 -38.21
C ILE D 231 15.17 -42.32 -37.35
N CYS D 232 14.76 -41.25 -38.02
CA CYS D 232 14.35 -40.00 -37.37
C CYS D 232 13.96 -38.95 -38.40
N MET D 233 12.67 -38.63 -38.46
CA MET D 233 12.14 -37.66 -39.42
C MET D 233 12.31 -36.22 -38.95
N LEU D 234 13.25 -35.51 -39.56
CA LEU D 234 13.53 -34.12 -39.19
C LEU D 234 13.00 -33.07 -40.16
N PRO D 235 11.98 -32.30 -39.73
CA PRO D 235 11.39 -31.26 -40.57
C PRO D 235 12.36 -30.16 -40.98
N VAL D 236 13.54 -30.57 -41.46
CA VAL D 236 14.57 -29.65 -41.92
C VAL D 236 14.39 -29.53 -43.44
N GLY D 237 14.25 -28.32 -43.95
CA GLY D 237 14.06 -28.14 -45.39
C GLY D 237 12.72 -28.69 -45.88
N ASP D 238 12.74 -29.88 -46.46
CA ASP D 238 11.49 -30.49 -46.93
C ASP D 238 11.39 -31.87 -46.30
N GLY D 239 12.29 -32.12 -45.35
CA GLY D 239 12.30 -33.40 -44.67
C GLY D 239 13.54 -34.20 -44.98
N ILE D 240 13.94 -35.03 -44.03
CA ILE D 240 15.12 -35.88 -44.18
C ILE D 240 15.05 -36.97 -43.11
N THR D 241 14.69 -38.17 -43.52
CA THR D 241 14.61 -39.28 -42.56
C THR D 241 16.03 -39.84 -42.42
N ILE D 242 16.62 -39.63 -41.24
CA ILE D 242 17.97 -40.11 -40.95
C ILE D 242 17.86 -41.46 -40.24
N CYS D 243 18.60 -42.45 -40.72
CA CYS D 243 18.57 -43.78 -40.12
C CYS D 243 19.95 -44.20 -39.60
N ARG D 244 19.99 -45.32 -38.90
CA ARG D 244 21.25 -45.81 -38.36
C ARG D 244 21.37 -47.33 -38.48
N ARG D 245 22.52 -47.79 -38.98
CA ARG D 245 22.77 -49.22 -39.16
C ARG D 245 22.98 -49.89 -37.81
N ILE D 246 21.97 -50.65 -37.36
CA ILE D 246 22.05 -51.35 -36.08
C ILE D 246 22.30 -52.83 -36.23
N LYS D 247 21.60 -53.45 -37.17
CA LYS D 247 21.73 -54.88 -37.42
C LYS D 247 22.18 -55.15 -38.86
#